data_6VRC
#
_entry.id   6VRC
#
loop_
_entity.id
_entity.type
_entity.pdbx_description
1 polymer 'CRISPR-associated endoribonuclease Cas13a'
2 polymer 'RNA (51-MER)'
#
loop_
_entity_poly.entity_id
_entity_poly.type
_entity_poly.pdbx_seq_one_letter_code
_entity_poly.pdbx_strand_id
1 'polypeptide(L)'
;MWISIKTLIHHLGVLFFCDYMYNRREKKIIEVKTMRITKVEVDRKKVLISRDKNGGKLVYENEMQDNTEQIMHHKKSSFY
KSVVNKTICRPEQKQMKKLVHGLLQENSQEKIKVSDVTKLNISNFLNHRFKKSLYYFPENSPDKSEEYRIEINLSQLLED
SLKKQQGTFICWESFSKDMELYINWAENYISSKTKLIKKSIRNNRIQSTESRSGQLMDRYMKDILNKNKPFDIQSVSEKY
QLEKLTSALKATFKEAKKNDKEINYKLKSTLQNHERQIIEELKENSELNQFNIEIRKHLETYFPIKKTNRKVGDIRNLEI
GEIQKIVNHRLKNKIVQRILQEGKLASYEIESTVNSNSLQKIKIEEAFALKFINACLFASNNLRNMVYPVCKKDILMIGE
FKNSFKEIKHKKFIRQWSQFFSQEITVDDIELASWGLRGAIAPIRNEIIHLKKHSWKKFFNNPTFKVKKSKIINGKTKDV
TSEFLYKETLFKDYFYSELDSVPELIINKMESSKILDYYSSDQLNQVFTIPNFELSLLTSAVPFAPSFKRVYLKGFDYQN
QDEAQPDYNLKLNIYNEKAFNSEAFQAQYSLFKMVYYQVFLPQFTTNNDLFKSSVDFILTLNKERKGYAKAFQDIRKMNK
DEKPSEYMSYIQSQLMLYQKKQEEKEKINHFEKFINQVFIKGFNSFIEKNRLTYICHPTKNTVPENDNIEIPFHTDMDDS
NIAFWLMCKLLDAKQLSELRNEMIKFSCSLQSTEEISTFTKAREVIGLALLNGEKGCNDWKELFDDKEAWKKNMSLYVSE
ELLQSLPYTQEDGQTPVINRSIDLVKKYGTETILEKLFSSSDDYKVSAKDIAKLHEYDVTEKIAQQESLHKQWIEKPGLA
RDSAWTKKYQNVINDISNYQWAKTKVELTQVRHLHQLTIDLLSRLAGYMSIADRDFQFSSNYILERENSEYRVTSWILLS
ENKNKNKYNDYELYNLKNASIKVSSKNDPQLKVDLKQLRLTLEYLELFDNRLKEKRNNISHFNYLNGQLGNSILELFDDA
RDVLSYDRKLKNAVSKSLKEILSSHGMEVTFKPLYQTNHHLKIDKLQPKKIHHLGEKSTVSSNQVSNEYCQLVRTLLTMK
HHHHHH
;
A
2 'polyribonucleotide' GACUACCUCUAUAUGAAAGAGGACUAAAACCAUAUUUCCAAACUCCACUUUGACUACACC B
#
loop_
_chem_comp.id
_chem_comp.type
_chem_comp.name
_chem_comp.formula
A RNA linking ADENOSINE-5'-MONOPHOSPHATE 'C10 H14 N5 O7 P'
C RNA linking CYTIDINE-5'-MONOPHOSPHATE 'C9 H14 N3 O8 P'
G RNA linking GUANOSINE-5'-MONOPHOSPHATE 'C10 H14 N5 O8 P'
U RNA linking URIDINE-5'-MONOPHOSPHATE 'C9 H13 N2 O9 P'
#
# COMPACT_ATOMS: atom_id res chain seq x y z
N THR A 34 28.88 -2.94 8.52
CA THR A 34 28.45 -3.99 9.44
C THR A 34 26.98 -4.28 9.28
N MET A 35 26.14 -3.38 9.77
CA MET A 35 24.71 -3.63 9.74
C MET A 35 24.13 -3.36 8.37
N ARG A 36 24.44 -2.21 7.78
CA ARG A 36 24.07 -1.94 6.42
C ARG A 36 25.32 -1.83 5.57
N ILE A 37 25.55 -2.82 4.73
CA ILE A 37 26.55 -2.72 3.68
C ILE A 37 26.05 -1.86 2.52
N THR A 38 24.80 -2.04 2.12
CA THR A 38 24.15 -1.39 0.99
C THR A 38 23.28 -0.27 1.52
N LYS A 39 22.90 0.67 0.65
CA LYS A 39 22.03 1.82 0.95
C LYS A 39 22.65 2.72 2.00
N VAL A 40 23.94 2.99 1.87
CA VAL A 40 24.73 3.76 2.83
C VAL A 40 25.73 4.60 2.05
N GLU A 41 25.89 5.87 2.43
CA GLU A 41 26.91 6.75 1.86
C GLU A 41 28.30 6.22 2.13
N VAL A 42 29.22 6.41 1.18
CA VAL A 42 30.61 5.98 1.35
C VAL A 42 31.60 7.12 1.14
N ASP A 43 31.49 7.82 0.02
CA ASP A 43 32.39 8.92 -0.33
C ASP A 43 31.58 10.10 -0.83
N ARG A 44 30.54 10.45 -0.06
CA ARG A 44 29.42 11.27 -0.50
C ARG A 44 28.78 10.70 -1.76
N LYS A 45 28.73 9.37 -1.82
CA LYS A 45 28.11 8.61 -2.90
C LYS A 45 27.42 7.40 -2.30
N LYS A 46 26.35 6.97 -2.95
CA LYS A 46 25.50 5.88 -2.48
C LYS A 46 25.98 4.54 -3.03
N VAL A 47 25.46 3.46 -2.47
CA VAL A 47 25.92 2.10 -2.71
C VAL A 47 24.70 1.24 -3.03
N LEU A 48 24.81 0.40 -4.05
CA LEU A 48 23.77 -0.53 -4.43
C LEU A 48 24.40 -1.88 -4.72
N ILE A 49 23.59 -2.93 -4.78
CA ILE A 49 24.06 -4.23 -5.22
C ILE A 49 23.55 -4.41 -6.64
N SER A 50 24.26 -5.21 -7.42
CA SER A 50 23.94 -5.40 -8.83
C SER A 50 24.02 -6.88 -9.13
N ARG A 51 22.92 -7.60 -8.93
CA ARG A 51 22.92 -9.03 -9.13
C ARG A 51 22.93 -9.38 -10.61
N ASP A 52 23.54 -10.51 -10.93
CA ASP A 52 23.82 -10.91 -12.29
C ASP A 52 23.98 -12.41 -12.26
N LYS A 53 23.77 -13.06 -13.41
CA LYS A 53 23.89 -14.51 -13.42
C LYS A 53 25.32 -15.01 -13.25
N ASN A 54 26.31 -14.18 -13.55
CA ASN A 54 27.69 -14.50 -13.22
C ASN A 54 27.97 -14.43 -11.73
N GLY A 55 27.41 -13.47 -11.01
CA GLY A 55 27.68 -13.31 -9.59
C GLY A 55 27.08 -12.02 -9.08
N GLY A 56 27.61 -11.56 -7.96
CA GLY A 56 27.15 -10.33 -7.35
C GLY A 56 28.21 -9.24 -7.38
N LYS A 57 27.76 -8.01 -7.22
CA LYS A 57 28.60 -6.86 -7.47
C LYS A 57 28.12 -5.72 -6.59
N LEU A 58 29.07 -4.95 -6.05
CA LEU A 58 28.77 -3.86 -5.14
C LEU A 58 29.19 -2.59 -5.86
N VAL A 59 28.21 -1.84 -6.36
CA VAL A 59 28.40 -0.82 -7.38
C VAL A 59 27.86 0.50 -6.82
N TYR A 60 28.26 1.62 -7.42
CA TYR A 60 27.92 2.86 -6.73
C TYR A 60 26.52 3.40 -6.94
N GLU A 61 26.22 4.08 -8.05
CA GLU A 61 24.86 4.59 -8.14
C GLU A 61 24.29 4.58 -9.54
N ASN A 62 25.12 4.98 -10.50
CA ASN A 62 24.72 5.06 -11.90
C ASN A 62 25.81 4.47 -12.77
N GLU A 63 26.72 3.73 -12.18
CA GLU A 63 27.95 3.26 -12.78
C GLU A 63 27.84 1.75 -12.88
N MET A 64 28.81 1.09 -13.52
CA MET A 64 28.76 -0.35 -13.67
C MET A 64 30.08 -1.07 -13.38
N GLN A 65 30.79 -0.73 -12.32
CA GLN A 65 32.10 -1.29 -12.10
C GLN A 65 32.12 -2.19 -10.86
N ASP A 66 32.97 -3.21 -10.91
CA ASP A 66 33.26 -4.02 -9.72
C ASP A 66 34.00 -3.13 -8.73
N ASN A 67 33.28 -2.57 -7.78
CA ASN A 67 33.90 -1.80 -6.71
C ASN A 67 33.76 -2.47 -5.37
N THR A 68 33.46 -3.77 -5.37
CA THR A 68 33.30 -4.51 -4.13
C THR A 68 34.58 -4.63 -3.33
N GLU A 69 35.74 -4.41 -3.96
CA GLU A 69 37.00 -4.47 -3.24
C GLU A 69 37.21 -3.26 -2.37
N GLN A 70 36.88 -2.08 -2.87
CA GLN A 70 37.27 -0.85 -2.20
C GLN A 70 36.10 -0.06 -1.63
N ILE A 71 34.86 -0.40 -1.97
CA ILE A 71 33.74 0.00 -1.12
C ILE A 71 33.85 -0.67 0.22
N MET A 72 34.13 -1.97 0.22
CA MET A 72 34.27 -2.75 1.43
C MET A 72 35.50 -2.36 2.23
N HIS A 73 36.49 -1.76 1.59
CA HIS A 73 37.63 -1.21 2.29
C HIS A 73 37.30 0.06 3.06
N HIS A 74 36.51 0.96 2.49
CA HIS A 74 36.08 2.14 3.21
C HIS A 74 35.09 1.83 4.30
N LYS A 75 34.36 0.74 4.16
CA LYS A 75 33.38 0.30 5.16
C LYS A 75 34.12 -0.46 6.26
N LYS A 76 35.02 0.25 6.95
CA LYS A 76 35.88 -0.41 7.94
C LYS A 76 36.09 0.41 9.20
N SER A 77 35.90 1.73 9.16
CA SER A 77 35.83 2.50 10.39
C SER A 77 34.54 2.23 11.15
N SER A 78 33.52 1.70 10.48
CA SER A 78 32.30 1.27 11.15
C SER A 78 32.39 -0.15 11.69
N PHE A 79 33.32 -0.98 11.19
CA PHE A 79 33.59 -2.25 11.85
C PHE A 79 34.33 -2.06 13.16
N TYR A 80 35.15 -1.03 13.26
CA TYR A 80 35.73 -0.72 14.56
C TYR A 80 34.69 -0.18 15.51
N LYS A 81 33.67 0.49 14.98
CA LYS A 81 32.65 1.06 15.83
C LYS A 81 31.68 0.00 16.32
N SER A 82 31.57 -1.11 15.61
CA SER A 82 30.71 -2.22 16.02
C SER A 82 31.36 -3.09 17.08
N VAL A 83 32.69 -3.20 17.07
CA VAL A 83 33.39 -4.04 18.03
C VAL A 83 33.46 -3.36 19.38
N VAL A 84 33.55 -2.04 19.39
CA VAL A 84 33.55 -1.29 20.65
C VAL A 84 32.20 -1.42 21.34
N ASN A 85 31.12 -1.44 20.58
CA ASN A 85 29.80 -1.76 21.11
C ASN A 85 29.57 -3.27 21.25
N LYS A 86 30.56 -4.08 20.93
CA LYS A 86 30.49 -5.52 21.15
C LYS A 86 31.27 -5.92 22.39
N THR A 87 32.06 -5.00 22.96
CA THR A 87 32.81 -5.25 24.18
C THR A 87 32.36 -4.38 25.34
N ILE A 88 31.30 -3.60 25.19
CA ILE A 88 30.86 -2.69 26.22
C ILE A 88 29.37 -2.95 26.47
N CYS A 89 28.85 -2.49 27.61
CA CYS A 89 27.55 -2.94 28.07
C CYS A 89 26.49 -1.86 27.92
N ARG A 90 25.25 -2.22 28.33
CA ARG A 90 24.00 -1.47 28.16
C ARG A 90 24.00 -0.09 28.84
N PRO A 91 24.47 0.08 30.12
CA PRO A 91 24.69 1.47 30.55
C PRO A 91 25.94 2.03 29.89
N GLU A 92 25.77 2.53 28.66
CA GLU A 92 26.88 2.73 27.73
C GLU A 92 27.74 3.89 28.22
N GLN A 93 28.74 3.53 29.02
CA GLN A 93 29.50 4.47 29.85
C GLN A 93 30.49 5.22 28.98
N LYS A 94 30.74 6.47 29.35
CA LYS A 94 31.39 7.41 28.43
C LYS A 94 32.88 7.57 28.68
N GLN A 95 33.46 6.83 29.62
CA GLN A 95 34.90 6.85 29.82
C GLN A 95 35.55 5.54 29.47
N MET A 96 34.81 4.42 29.56
CA MET A 96 35.26 3.18 28.97
C MET A 96 35.07 3.16 27.47
N LYS A 97 34.25 4.06 26.93
CA LYS A 97 33.97 4.08 25.51
C LYS A 97 35.16 4.58 24.71
N LYS A 98 35.99 5.45 25.27
CA LYS A 98 37.14 5.94 24.53
C LYS A 98 38.45 5.26 24.90
N LEU A 99 38.51 4.56 26.03
CA LEU A 99 39.66 3.68 26.28
C LEU A 99 39.73 2.56 25.25
N VAL A 100 38.59 1.94 24.96
CA VAL A 100 38.60 0.80 24.06
C VAL A 100 38.76 1.27 22.63
N HIS A 101 38.11 2.37 22.27
CA HIS A 101 38.09 2.84 20.89
C HIS A 101 39.44 3.38 20.43
N GLY A 102 40.25 3.89 21.34
CA GLY A 102 41.53 4.46 20.96
C GLY A 102 42.67 3.49 20.91
N LEU A 103 42.47 2.28 21.46
CA LEU A 103 43.43 1.21 21.22
C LEU A 103 43.44 0.78 19.77
N LEU A 104 42.22 0.58 19.25
CA LEU A 104 41.97 0.13 17.85
C LEU A 104 42.36 1.21 16.83
N GLN A 105 42.04 2.47 17.12
CA GLN A 105 42.36 3.58 16.18
C GLN A 105 43.47 4.45 16.79
N GLU A 106 44.59 4.59 16.07
CA GLU A 106 45.75 5.39 16.54
C GLU A 106 45.40 6.87 16.67
N ASN A 107 44.71 7.44 15.67
CA ASN A 107 44.31 8.87 15.67
C ASN A 107 43.26 9.16 16.77
N SER A 108 42.36 8.22 17.01
CA SER A 108 41.22 8.37 17.97
C SER A 108 41.69 8.52 19.43
N GLN A 109 42.88 8.03 19.79
CA GLN A 109 43.34 8.09 21.19
C GLN A 109 43.31 9.54 21.71
N GLU A 110 42.73 9.71 22.91
CA GLU A 110 42.60 11.04 23.58
C GLU A 110 43.10 10.91 25.02
N LYS A 111 43.75 11.95 25.54
CA LYS A 111 44.31 11.95 26.91
C LYS A 111 43.19 11.85 27.95
N ILE A 112 43.38 10.99 28.96
CA ILE A 112 42.40 10.77 30.09
C ILE A 112 43.21 10.53 31.37
N LYS A 113 42.59 10.71 32.55
CA LYS A 113 43.37 10.51 33.77
C LYS A 113 43.44 9.03 34.09
N VAL A 114 44.50 8.63 34.80
CA VAL A 114 44.66 7.22 35.15
C VAL A 114 43.68 6.83 36.25
N SER A 115 43.80 7.47 37.40
CA SER A 115 43.25 6.93 38.64
C SER A 115 41.80 7.30 38.90
N ASP A 116 41.42 8.56 38.67
CA ASP A 116 40.13 9.03 39.16
C ASP A 116 38.98 8.56 38.27
N VAL A 117 39.11 8.69 36.95
CA VAL A 117 38.01 8.32 36.08
C VAL A 117 37.97 6.83 35.79
N THR A 118 39.04 6.09 36.10
CA THR A 118 39.05 4.64 35.91
C THR A 118 39.37 4.03 37.26
N LYS A 119 38.34 3.92 38.10
CA LYS A 119 38.45 3.31 39.42
C LYS A 119 37.21 2.49 39.74
N LEU A 120 36.33 2.26 38.78
CA LEU A 120 35.05 1.64 39.02
C LEU A 120 35.18 0.11 39.01
N ASN A 121 34.03 -0.56 39.11
CA ASN A 121 33.95 -1.97 38.79
C ASN A 121 34.08 -2.10 37.28
N ILE A 122 35.29 -2.41 36.81
CA ILE A 122 35.49 -2.63 35.38
C ILE A 122 34.78 -3.91 34.95
N SER A 123 34.70 -4.89 35.84
CA SER A 123 34.01 -6.14 35.55
C SER A 123 32.51 -5.99 35.38
N ASN A 124 31.93 -4.84 35.73
CA ASN A 124 30.49 -4.65 35.68
C ASN A 124 30.09 -3.62 34.64
N PHE A 125 30.93 -3.44 33.61
CA PHE A 125 30.67 -2.47 32.53
C PHE A 125 30.96 -3.13 31.18
N LEU A 126 31.62 -4.29 31.21
CA LEU A 126 31.93 -5.05 29.97
C LEU A 126 30.63 -5.65 29.42
N ASN A 127 30.75 -6.53 28.42
CA ASN A 127 29.55 -7.17 27.81
C ASN A 127 29.24 -8.48 28.53
N HIS A 128 28.25 -9.23 28.03
CA HIS A 128 27.87 -10.54 28.62
C HIS A 128 28.69 -11.65 27.98
N ARG A 129 29.55 -11.27 27.02
CA ARG A 129 30.45 -12.23 26.34
C ARG A 129 31.86 -12.10 26.91
N PHE A 130 32.16 -10.95 27.53
CA PHE A 130 33.50 -10.70 28.11
C PHE A 130 33.43 -10.72 29.64
N LYS A 131 32.25 -11.02 30.20
CA LYS A 131 32.13 -11.12 31.68
C LYS A 131 32.97 -12.31 32.13
N LYS A 132 32.92 -13.40 31.36
CA LYS A 132 33.69 -14.65 31.61
C LYS A 132 34.87 -14.71 30.62
N SER A 133 35.82 -15.61 30.87
CA SER A 133 37.02 -15.74 29.98
C SER A 133 36.56 -16.11 28.55
N LEU A 134 37.17 -15.49 27.54
CA LEU A 134 36.83 -15.74 26.12
C LEU A 134 37.96 -16.51 25.44
N TYR A 135 37.63 -17.55 24.68
CA TYR A 135 38.65 -18.40 24.01
C TYR A 135 38.35 -18.44 22.51
N TYR A 136 39.39 -18.45 21.66
CA TYR A 136 39.18 -18.45 20.23
C TYR A 136 40.40 -19.06 19.57
N PHE A 137 40.28 -19.27 18.27
CA PHE A 137 41.40 -19.69 17.47
C PHE A 137 41.72 -18.59 16.48
N PRO A 138 42.99 -18.40 16.07
CA PRO A 138 43.33 -17.40 15.07
C PRO A 138 42.57 -17.74 13.77
N GLU A 139 42.36 -16.74 12.90
CA GLU A 139 41.62 -16.98 11.64
C GLU A 139 42.24 -18.15 10.86
N ASN A 140 43.50 -18.01 10.46
CA ASN A 140 44.19 -19.08 9.68
C ASN A 140 45.14 -19.87 10.60
N SER A 141 44.58 -20.61 11.57
CA SER A 141 45.43 -21.48 12.43
C SER A 141 45.85 -22.69 11.60
N PRO A 142 46.98 -23.38 11.89
CA PRO A 142 47.39 -24.51 11.07
C PRO A 142 46.32 -25.62 11.09
N ASP A 143 45.80 -25.93 12.29
CA ASP A 143 44.72 -26.94 12.45
C ASP A 143 44.05 -26.73 13.82
N LYS A 144 42.85 -27.28 14.01
CA LYS A 144 42.17 -27.14 15.33
C LYS A 144 42.98 -27.93 16.36
N SER A 145 43.27 -27.31 17.51
CA SER A 145 44.06 -27.97 18.59
C SER A 145 43.78 -27.27 19.92
N GLU A 146 44.14 -27.91 21.03
CA GLU A 146 43.92 -27.30 22.38
C GLU A 146 45.14 -26.47 22.77
N GLU A 147 46.19 -26.44 21.93
CA GLU A 147 47.40 -25.66 22.30
C GLU A 147 47.46 -24.38 21.46
N TYR A 148 46.44 -24.15 20.63
CA TYR A 148 46.37 -22.95 19.75
C TYR A 148 45.33 -21.96 20.29
N ARG A 149 44.20 -22.46 20.78
CA ARG A 149 43.14 -21.59 21.33
C ARG A 149 43.76 -20.67 22.40
N ILE A 150 43.52 -19.37 22.29
CA ILE A 150 44.11 -18.37 23.22
C ILE A 150 43.09 -17.97 24.30
N GLU A 151 43.58 -17.70 25.51
CA GLU A 151 42.77 -17.27 26.65
C GLU A 151 42.82 -15.76 26.78
N ILE A 152 41.70 -15.16 27.22
CA ILE A 152 41.65 -13.73 27.51
C ILE A 152 40.64 -13.48 28.64
N ASN A 153 41.11 -12.80 29.68
CA ASN A 153 40.23 -12.28 30.76
C ASN A 153 40.40 -10.77 30.64
N LEU A 154 39.38 -10.08 30.13
CA LEU A 154 39.56 -8.65 29.87
C LEU A 154 39.43 -7.85 31.15
N SER A 155 38.68 -8.34 32.13
CA SER A 155 38.62 -7.65 33.42
C SER A 155 39.92 -7.84 34.19
N GLN A 156 40.54 -8.99 34.07
CA GLN A 156 41.81 -9.22 34.74
C GLN A 156 42.96 -8.53 34.03
N LEU A 157 42.98 -8.61 32.70
CA LEU A 157 44.09 -8.06 31.94
C LEU A 157 44.06 -6.54 31.88
N LEU A 158 42.93 -5.91 32.20
CA LEU A 158 42.89 -4.45 32.19
C LEU A 158 43.22 -3.85 33.56
N GLU A 159 42.93 -4.56 34.64
CA GLU A 159 43.35 -4.11 35.97
C GLU A 159 44.86 -4.20 36.13
N ASP A 160 45.50 -5.16 35.45
CA ASP A 160 46.92 -5.38 35.65
C ASP A 160 47.77 -4.34 34.93
N SER A 161 47.17 -3.60 33.99
CA SER A 161 47.93 -2.64 33.21
C SER A 161 47.92 -1.26 33.83
N LEU A 162 46.76 -0.83 34.33
CA LEU A 162 46.61 0.52 34.85
C LEU A 162 47.38 0.73 36.15
N LYS A 163 47.59 -0.34 36.92
CA LYS A 163 48.45 -0.23 38.10
C LYS A 163 49.90 -0.09 37.70
N LYS A 164 50.28 -0.62 36.54
CA LYS A 164 51.60 -0.42 35.96
C LYS A 164 51.71 0.91 35.22
N GLN A 165 50.60 1.63 35.09
CA GLN A 165 50.58 2.96 34.51
C GLN A 165 50.75 3.98 35.63
N GLN A 166 51.87 4.70 35.62
CA GLN A 166 52.30 5.48 36.77
C GLN A 166 52.33 6.98 36.54
N GLY A 167 51.94 7.46 35.35
CA GLY A 167 51.90 8.87 35.08
C GLY A 167 50.61 9.50 35.61
N THR A 168 50.54 10.82 35.46
CA THR A 168 49.33 11.55 35.84
C THR A 168 48.18 11.22 34.90
N PHE A 169 48.43 11.28 33.61
CA PHE A 169 47.54 10.80 32.57
C PHE A 169 48.14 9.52 31.98
N ILE A 170 47.30 8.84 31.19
CA ILE A 170 47.62 7.54 30.53
C ILE A 170 48.64 7.76 29.41
N CYS A 171 49.57 6.80 29.26
CA CYS A 171 50.57 6.84 28.16
C CYS A 171 50.11 5.82 27.11
N TRP A 172 49.84 6.28 25.89
CA TRP A 172 49.32 5.40 24.80
C TRP A 172 50.35 4.34 24.42
N GLU A 173 51.63 4.70 24.31
CA GLU A 173 52.67 3.72 23.89
C GLU A 173 52.74 2.57 24.91
N SER A 174 52.78 2.89 26.21
CA SER A 174 52.84 1.85 27.27
C SER A 174 51.54 1.04 27.34
N PHE A 175 50.39 1.72 27.31
CA PHE A 175 49.06 1.06 27.45
C PHE A 175 48.79 0.10 26.29
N SER A 176 49.10 0.52 25.05
CA SER A 176 48.84 -0.32 23.86
C SER A 176 49.66 -1.61 23.91
N LYS A 177 50.89 -1.51 24.41
CA LYS A 177 51.83 -2.63 24.47
C LYS A 177 51.36 -3.74 25.40
N ASP A 178 50.71 -3.38 26.51
CA ASP A 178 50.19 -4.38 27.44
C ASP A 178 48.82 -4.88 27.02
N MET A 179 48.06 -4.10 26.25
CA MET A 179 46.78 -4.54 25.69
C MET A 179 46.94 -5.29 24.38
N GLU A 180 48.13 -5.81 24.08
CA GLU A 180 48.41 -6.43 22.79
C GLU A 180 47.64 -7.74 22.64
N LEU A 181 47.25 -8.34 23.75
CA LEU A 181 46.50 -9.59 23.72
C LEU A 181 45.06 -9.36 23.25
N TYR A 182 44.51 -8.18 23.54
CA TYR A 182 43.15 -7.81 23.17
C TYR A 182 43.04 -7.28 21.75
N ILE A 183 44.02 -6.51 21.29
CA ILE A 183 43.98 -5.90 19.98
C ILE A 183 44.01 -6.95 18.89
N ASN A 184 44.65 -8.09 19.16
CA ASN A 184 44.65 -9.18 18.20
C ASN A 184 43.34 -9.95 18.18
N TRP A 185 42.51 -9.83 19.21
CA TRP A 185 41.18 -10.42 19.11
C TRP A 185 40.30 -9.64 18.15
N ALA A 186 40.36 -8.31 18.24
CA ALA A 186 39.50 -7.49 17.41
C ALA A 186 39.94 -7.48 15.95
N GLU A 187 41.25 -7.47 15.70
CA GLU A 187 41.74 -7.52 14.34
C GLU A 187 41.46 -8.86 13.68
N ASN A 188 41.36 -9.94 14.47
CA ASN A 188 40.91 -11.22 13.95
C ASN A 188 39.42 -11.21 13.69
N TYR A 189 38.67 -10.56 14.58
CA TYR A 189 37.22 -10.56 14.49
C TYR A 189 36.75 -9.76 13.28
N ILE A 190 37.35 -8.59 13.06
CA ILE A 190 36.97 -7.75 11.94
C ILE A 190 37.36 -8.40 10.62
N SER A 191 38.58 -8.96 10.55
CA SER A 191 39.09 -9.47 9.30
C SER A 191 38.43 -10.75 8.85
N SER A 192 37.80 -11.50 9.74
CA SER A 192 37.09 -12.70 9.32
C SER A 192 35.64 -12.42 8.96
N LYS A 193 35.00 -11.46 9.62
CA LYS A 193 33.62 -11.12 9.26
C LYS A 193 33.56 -10.35 7.95
N THR A 194 34.57 -9.54 7.64
CA THR A 194 34.63 -8.83 6.37
C THR A 194 34.96 -9.74 5.20
N LYS A 195 35.34 -10.99 5.46
CA LYS A 195 35.56 -12.02 4.45
C LYS A 195 34.32 -12.87 4.21
N LEU A 196 33.47 -13.00 5.23
CA LEU A 196 32.22 -13.73 5.08
C LEU A 196 31.17 -12.91 4.36
N ILE A 197 31.13 -11.60 4.61
CA ILE A 197 30.18 -10.73 3.94
C ILE A 197 30.54 -10.60 2.47
N LYS A 198 31.83 -10.58 2.16
CA LYS A 198 32.30 -10.33 0.81
C LYS A 198 32.15 -11.56 -0.08
N LYS A 199 32.06 -12.74 0.52
CA LYS A 199 31.77 -13.96 -0.24
C LYS A 199 30.27 -14.18 -0.36
N SER A 200 29.50 -13.70 0.62
CA SER A 200 28.05 -13.76 0.57
C SER A 200 27.47 -12.90 -0.53
N ILE A 201 28.22 -11.90 -0.97
CA ILE A 201 27.81 -11.00 -2.03
C ILE A 201 28.13 -11.56 -3.40
N ARG A 202 29.36 -12.06 -3.61
CA ARG A 202 29.76 -12.46 -4.95
C ARG A 202 29.12 -13.74 -5.41
N ASN A 203 28.65 -14.58 -4.51
CA ASN A 203 27.97 -15.80 -4.94
C ASN A 203 26.47 -15.61 -5.00
N ASN A 204 25.95 -14.50 -4.47
CA ASN A 204 24.53 -14.19 -4.51
C ASN A 204 24.15 -13.81 -5.94
N ARG A 205 23.99 -14.83 -6.77
CA ARG A 205 23.68 -14.63 -8.18
C ARG A 205 22.28 -15.08 -8.47
N ILE A 206 21.81 -14.80 -9.68
CA ILE A 206 20.45 -15.12 -10.08
C ILE A 206 20.40 -16.56 -10.57
N GLN A 207 19.54 -17.36 -9.94
CA GLN A 207 19.26 -18.75 -10.33
C GLN A 207 20.53 -19.61 -10.27
N SER A 208 21.06 -19.73 -9.07
CA SER A 208 22.35 -20.37 -8.90
C SER A 208 22.22 -21.87 -8.85
N THR A 209 23.12 -22.55 -9.54
CA THR A 209 23.30 -23.99 -9.45
C THR A 209 24.69 -24.40 -9.03
N GLU A 210 25.62 -23.47 -8.87
CA GLU A 210 26.96 -23.82 -8.43
C GLU A 210 27.05 -23.92 -6.91
N SER A 211 25.96 -23.73 -6.20
CA SER A 211 26.00 -23.74 -4.75
C SER A 211 25.37 -25.01 -4.18
N ARG A 212 25.78 -25.32 -2.96
CA ARG A 212 25.07 -26.29 -2.14
C ARG A 212 23.66 -25.78 -1.89
N SER A 213 22.70 -26.70 -1.84
CA SER A 213 21.27 -26.49 -1.59
C SER A 213 20.56 -25.73 -2.71
N GLY A 214 21.25 -25.43 -3.80
CA GLY A 214 20.59 -24.91 -4.99
C GLY A 214 20.72 -25.98 -6.07
N GLN A 215 21.84 -26.67 -6.02
CA GLN A 215 22.04 -27.92 -6.75
C GLN A 215 21.13 -29.02 -6.21
N LEU A 216 20.82 -28.98 -4.93
CA LEU A 216 19.93 -29.96 -4.30
C LEU A 216 18.48 -29.76 -4.73
N MET A 217 18.02 -28.51 -4.78
CA MET A 217 16.68 -28.24 -5.30
C MET A 217 16.62 -28.43 -6.79
N ASP A 218 17.75 -28.27 -7.48
CA ASP A 218 17.81 -28.63 -8.89
C ASP A 218 17.73 -30.13 -9.08
N ARG A 219 18.16 -30.90 -8.08
CA ARG A 219 18.00 -32.34 -8.16
C ARG A 219 16.56 -32.76 -7.90
N TYR A 220 15.87 -32.07 -6.99
CA TYR A 220 14.50 -32.47 -6.66
C TYR A 220 13.53 -32.06 -7.76
N MET A 221 13.79 -30.93 -8.41
CA MET A 221 12.86 -30.45 -9.44
C MET A 221 12.87 -31.37 -10.66
N LYS A 222 14.05 -31.88 -11.02
CA LYS A 222 14.16 -32.72 -12.20
C LYS A 222 13.64 -34.13 -11.95
N ASP A 223 13.36 -34.49 -10.70
CA ASP A 223 12.82 -35.81 -10.37
C ASP A 223 11.32 -35.80 -10.17
N ILE A 224 10.64 -34.73 -10.55
CA ILE A 224 9.19 -34.67 -10.49
C ILE A 224 8.58 -34.56 -11.88
N LEU A 225 9.25 -33.85 -12.79
CA LEU A 225 8.84 -33.84 -14.19
C LEU A 225 8.95 -35.23 -14.78
N ASN A 226 10.00 -35.96 -14.45
CA ASN A 226 10.01 -37.40 -14.53
C ASN A 226 9.37 -37.90 -13.25
N LYS A 227 8.15 -38.44 -13.35
CA LYS A 227 7.27 -38.51 -12.20
C LYS A 227 7.71 -39.54 -11.16
N ASN A 228 8.63 -39.13 -10.30
CA ASN A 228 9.20 -39.97 -9.26
C ASN A 228 8.87 -39.36 -7.90
N LYS A 229 9.45 -39.94 -6.84
CA LYS A 229 9.31 -39.42 -5.49
C LYS A 229 10.60 -38.73 -5.12
N PRO A 230 10.58 -37.44 -4.73
CA PRO A 230 11.84 -36.69 -4.56
C PRO A 230 12.60 -37.07 -3.30
N PHE A 231 11.90 -37.27 -2.19
CA PHE A 231 12.53 -37.49 -0.91
C PHE A 231 11.56 -38.24 -0.01
N ASP A 232 12.10 -38.79 1.07
CA ASP A 232 11.34 -39.58 2.02
C ASP A 232 11.52 -38.97 3.40
N ILE A 233 10.40 -38.68 4.08
CA ILE A 233 10.47 -37.99 5.36
C ILE A 233 10.92 -38.93 6.47
N GLN A 234 10.39 -40.15 6.49
CA GLN A 234 10.65 -41.03 7.62
C GLN A 234 12.07 -41.59 7.59
N SER A 235 12.64 -41.81 6.41
CA SER A 235 14.03 -42.26 6.35
C SER A 235 15.01 -41.15 6.72
N VAL A 236 14.68 -39.90 6.41
CA VAL A 236 15.56 -38.79 6.78
C VAL A 236 15.27 -38.30 8.19
N SER A 237 14.14 -38.66 8.78
CA SER A 237 13.90 -38.37 10.18
C SER A 237 14.65 -39.31 11.10
N GLU A 238 15.18 -40.41 10.59
CA GLU A 238 15.90 -41.34 11.45
C GLU A 238 17.38 -41.02 11.49
N LYS A 239 17.95 -40.56 10.38
CA LYS A 239 19.33 -40.07 10.41
C LYS A 239 19.43 -38.82 11.26
N TYR A 240 18.44 -37.95 11.20
CA TYR A 240 18.46 -36.74 11.99
C TYR A 240 18.20 -37.01 13.46
N GLN A 241 17.64 -38.19 13.78
CA GLN A 241 17.26 -38.60 15.13
C GLN A 241 16.32 -37.58 15.74
N LEU A 242 15.14 -37.45 15.13
CA LEU A 242 14.22 -36.38 15.50
C LEU A 242 13.59 -36.64 16.86
N GLU A 243 13.52 -37.90 17.27
CA GLU A 243 12.86 -38.23 18.53
C GLU A 243 13.78 -38.00 19.72
N LYS A 244 15.08 -37.91 19.48
CA LYS A 244 15.99 -37.48 20.53
C LYS A 244 15.83 -36.00 20.82
N LEU A 245 15.55 -35.21 19.79
CA LEU A 245 15.01 -33.87 19.91
C LEU A 245 13.51 -33.99 20.18
N THR A 246 12.84 -32.86 20.40
CA THR A 246 11.40 -32.69 20.65
C THR A 246 10.91 -33.32 21.95
N SER A 247 11.80 -34.13 22.55
CA SER A 247 11.60 -34.75 23.88
C SER A 247 12.42 -33.92 24.87
N ALA A 248 13.54 -33.36 24.38
CA ALA A 248 14.43 -32.48 25.17
C ALA A 248 13.94 -31.03 25.00
N LEU A 249 13.28 -30.75 23.88
CA LEU A 249 12.72 -29.41 23.60
C LEU A 249 11.52 -29.18 24.53
N LYS A 250 10.66 -30.20 24.65
CA LYS A 250 9.46 -30.12 25.53
C LYS A 250 9.95 -30.07 26.99
N ALA A 251 11.02 -30.80 27.30
CA ALA A 251 11.59 -30.81 28.67
C ALA A 251 12.01 -29.38 29.03
N THR A 252 12.69 -28.69 28.11
CA THR A 252 13.15 -27.30 28.34
C THR A 252 11.96 -26.35 28.39
N PHE A 253 10.78 -26.81 27.94
CA PHE A 253 9.56 -25.97 27.94
C PHE A 253 8.76 -26.22 29.22
N LYS A 254 8.58 -27.51 29.55
CA LYS A 254 7.79 -27.93 30.74
C LYS A 254 8.71 -27.92 31.97
N GLU A 255 9.99 -27.64 31.77
CA GLU A 255 10.99 -27.59 32.88
C GLU A 255 11.28 -26.12 33.21
N ALA A 256 11.04 -25.72 34.47
CA ALA A 256 11.29 -24.33 34.92
C ALA A 256 10.55 -23.35 34.00
N LYS A 257 11.28 -22.38 33.45
CA LYS A 257 10.67 -21.39 32.52
C LYS A 257 9.56 -20.64 33.26
N LYS A 258 9.75 -20.38 34.55
CA LYS A 258 8.73 -19.62 35.34
C LYS A 258 8.64 -18.21 34.75
N ASN A 259 9.80 -17.62 34.44
CA ASN A 259 9.87 -16.26 33.83
C ASN A 259 9.69 -16.41 32.32
N ASP A 260 8.77 -15.64 31.73
CA ASP A 260 8.48 -15.72 30.27
C ASP A 260 9.72 -15.33 29.47
N LYS A 261 10.49 -14.34 29.94
CA LYS A 261 11.72 -13.92 29.23
C LYS A 261 12.76 -15.06 29.30
N GLU A 262 13.50 -15.24 28.20
CA GLU A 262 14.63 -16.18 27.96
C GLU A 262 14.16 -17.61 27.62
N ILE A 263 12.86 -17.87 27.55
CA ILE A 263 12.41 -19.25 27.18
C ILE A 263 12.84 -19.54 25.74
N ASN A 264 12.69 -18.53 24.87
CA ASN A 264 13.02 -18.59 23.45
C ASN A 264 14.51 -18.72 23.24
N TYR A 265 15.32 -18.13 24.12
CA TYR A 265 16.76 -18.15 23.94
C TYR A 265 17.34 -19.52 24.25
N LYS A 266 16.75 -20.22 25.20
CA LYS A 266 17.31 -21.50 25.61
C LYS A 266 16.61 -22.68 24.96
N LEU A 267 15.72 -22.44 24.00
CA LEU A 267 15.38 -23.48 23.05
C LEU A 267 16.27 -23.41 21.82
N LYS A 268 16.94 -22.27 21.61
CA LYS A 268 17.97 -22.19 20.59
C LYS A 268 19.19 -22.99 20.99
N SER A 269 19.55 -22.94 22.27
CA SER A 269 20.75 -23.60 22.73
C SER A 269 20.59 -25.11 22.87
N THR A 270 19.38 -25.60 23.15
CA THR A 270 19.17 -27.05 23.11
C THR A 270 19.11 -27.56 21.69
N LEU A 271 18.81 -26.69 20.73
CA LEU A 271 18.84 -27.08 19.33
C LEU A 271 20.25 -27.02 18.78
N GLN A 272 21.06 -26.09 19.26
CA GLN A 272 22.48 -26.06 18.89
C GLN A 272 23.24 -27.22 19.53
N ASN A 273 22.73 -27.74 20.64
CA ASN A 273 23.36 -28.88 21.29
C ASN A 273 23.05 -30.18 20.55
N HIS A 274 21.88 -30.26 19.91
CA HIS A 274 21.53 -31.43 19.12
C HIS A 274 22.33 -31.53 17.83
N GLU A 275 22.65 -30.38 17.22
CA GLU A 275 23.44 -30.39 15.99
C GLU A 275 24.88 -30.79 16.24
N ARG A 276 25.36 -30.56 17.45
CA ARG A 276 26.75 -30.78 17.79
C ARG A 276 27.08 -32.25 17.89
N GLN A 277 26.10 -33.09 18.21
CA GLN A 277 26.30 -34.51 18.39
C GLN A 277 26.11 -35.31 17.12
N ILE A 278 25.54 -34.72 16.08
CA ILE A 278 25.31 -35.41 14.82
C ILE A 278 25.93 -34.64 13.64
N ILE A 279 26.99 -33.88 13.91
CA ILE A 279 27.57 -33.02 12.86
C ILE A 279 28.38 -33.83 11.85
N GLU A 280 28.75 -35.06 12.19
CA GLU A 280 29.63 -35.83 11.32
C GLU A 280 28.95 -36.22 10.01
N GLU A 281 27.61 -36.29 10.01
CA GLU A 281 26.87 -36.49 8.78
C GLU A 281 26.08 -35.26 8.36
N LEU A 282 26.07 -34.17 9.14
CA LEU A 282 25.50 -32.92 8.63
C LEU A 282 26.36 -32.30 7.55
N LYS A 283 27.63 -32.67 7.49
CA LYS A 283 28.52 -32.18 6.46
C LYS A 283 28.66 -33.13 5.29
N GLU A 284 28.03 -34.30 5.33
CA GLU A 284 28.26 -35.35 4.36
C GLU A 284 27.05 -35.72 3.52
N ASN A 285 25.90 -35.08 3.76
CA ASN A 285 24.70 -35.54 3.00
C ASN A 285 24.24 -34.48 1.99
N SER A 286 23.93 -33.27 2.50
CA SER A 286 23.42 -32.05 1.83
C SER A 286 21.89 -32.07 1.72
N GLU A 287 21.26 -33.22 2.02
CA GLU A 287 19.78 -33.33 2.08
C GLU A 287 19.42 -33.41 3.56
N LEU A 288 20.30 -34.03 4.34
CA LEU A 288 20.20 -34.11 5.82
C LEU A 288 20.41 -32.69 6.36
N ASN A 289 21.37 -31.99 5.75
CA ASN A 289 21.71 -30.58 6.12
C ASN A 289 20.49 -29.70 5.85
N GLN A 290 19.80 -29.93 4.72
CA GLN A 290 18.60 -29.14 4.36
C GLN A 290 17.54 -29.37 5.44
N PHE A 291 17.39 -30.62 5.90
CA PHE A 291 16.42 -30.93 6.94
C PHE A 291 16.65 -30.09 8.18
N ASN A 292 17.91 -29.77 8.47
CA ASN A 292 18.26 -28.97 9.64
C ASN A 292 17.96 -27.50 9.41
N ILE A 293 18.12 -27.01 8.19
CA ILE A 293 17.90 -25.60 7.92
C ILE A 293 16.41 -25.27 8.00
N GLU A 294 15.55 -26.18 7.55
CA GLU A 294 14.13 -25.88 7.61
C GLU A 294 13.57 -26.04 9.02
N ILE A 295 14.14 -26.95 9.81
CA ILE A 295 13.69 -27.14 11.18
C ILE A 295 14.29 -26.10 12.11
N ARG A 296 15.39 -25.46 11.72
CA ARG A 296 15.87 -24.26 12.39
C ARG A 296 14.97 -23.08 12.10
N LYS A 297 14.49 -22.98 10.85
CA LYS A 297 13.66 -21.86 10.42
C LYS A 297 12.25 -21.96 10.98
N HIS A 298 11.77 -23.19 11.20
CA HIS A 298 10.52 -23.42 11.92
C HIS A 298 10.57 -22.91 13.35
N LEU A 299 11.73 -22.95 13.97
CA LEU A 299 11.81 -22.65 15.39
C LEU A 299 11.81 -21.15 15.64
N GLU A 300 12.38 -20.35 14.74
CA GLU A 300 12.42 -18.93 15.02
C GLU A 300 11.27 -18.16 14.40
N THR A 301 10.24 -18.85 13.91
CA THR A 301 9.01 -18.18 13.51
C THR A 301 7.87 -18.39 14.49
N TYR A 302 7.86 -19.49 15.25
CA TYR A 302 6.89 -19.70 16.30
C TYR A 302 7.45 -19.47 17.69
N PHE A 303 8.75 -19.63 17.87
CA PHE A 303 9.42 -19.30 19.13
C PHE A 303 10.50 -18.27 18.84
N PRO A 304 10.11 -17.02 18.56
CA PRO A 304 11.03 -16.08 17.93
C PRO A 304 12.11 -15.56 18.86
N ILE A 305 13.23 -15.18 18.25
CA ILE A 305 14.38 -14.66 18.95
C ILE A 305 14.81 -13.30 18.42
N LYS A 306 14.44 -12.94 17.18
CA LYS A 306 14.82 -11.68 16.55
C LYS A 306 13.62 -10.99 15.92
N LYS A 307 12.39 -11.26 16.40
CA LYS A 307 11.23 -10.92 15.59
C LYS A 307 10.08 -10.32 16.42
N THR A 308 10.35 -9.54 17.47
CA THR A 308 9.33 -8.80 18.23
C THR A 308 8.22 -9.67 18.83
N ASN A 309 8.55 -10.39 19.90
CA ASN A 309 7.81 -11.53 20.47
C ASN A 309 6.29 -11.39 20.55
N ARG A 310 5.79 -10.50 21.42
CA ARG A 310 4.38 -10.12 21.54
C ARG A 310 3.38 -11.21 21.94
N LYS A 311 3.77 -12.48 22.06
CA LYS A 311 2.78 -13.52 22.28
C LYS A 311 3.43 -14.75 22.90
N VAL A 312 2.69 -15.44 23.77
CA VAL A 312 3.18 -16.62 24.48
C VAL A 312 3.07 -17.85 23.57
N GLY A 313 4.13 -18.65 23.54
CA GLY A 313 4.15 -19.79 22.65
C GLY A 313 3.25 -20.93 23.10
N ASP A 314 3.03 -21.87 22.18
CA ASP A 314 2.23 -23.05 22.44
C ASP A 314 3.12 -24.28 22.49
N ILE A 315 2.69 -25.28 23.27
CA ILE A 315 3.37 -26.56 23.34
C ILE A 315 2.86 -27.53 22.27
N ARG A 316 1.83 -27.11 21.54
CA ARG A 316 1.25 -27.92 20.44
C ARG A 316 2.27 -28.07 19.30
N ASN A 317 2.99 -26.98 18.99
CA ASN A 317 3.96 -26.91 17.86
C ASN A 317 5.15 -27.86 18.01
N LEU A 318 5.71 -27.97 19.22
CA LEU A 318 6.92 -28.79 19.49
C LEU A 318 6.67 -30.30 19.37
N GLU A 319 5.42 -30.76 19.45
CA GLU A 319 5.15 -32.23 19.43
C GLU A 319 5.62 -32.87 18.12
N ILE A 320 6.16 -34.10 18.23
CA ILE A 320 6.68 -34.91 17.09
C ILE A 320 5.50 -35.33 16.20
N GLY A 321 5.71 -35.37 14.88
CA GLY A 321 4.68 -35.74 13.90
C GLY A 321 3.98 -34.51 13.35
N GLU A 322 4.25 -33.36 13.96
CA GLU A 322 3.70 -32.05 13.50
C GLU A 322 4.83 -31.33 12.76
N ILE A 323 6.03 -31.33 13.35
CA ILE A 323 7.22 -30.68 12.74
C ILE A 323 7.56 -31.41 11.43
N GLN A 324 7.45 -32.75 11.42
CA GLN A 324 7.73 -33.52 10.18
C GLN A 324 6.71 -33.16 9.10
N LYS A 325 5.45 -32.94 9.49
CA LYS A 325 4.38 -32.52 8.55
C LYS A 325 4.73 -31.15 7.97
N ILE A 326 5.25 -30.24 8.79
CA ILE A 326 5.58 -28.90 8.35
C ILE A 326 6.84 -28.90 7.48
N VAL A 327 7.83 -29.71 7.83
CA VAL A 327 9.04 -29.82 7.01
C VAL A 327 8.72 -30.37 5.63
N ASN A 328 7.82 -31.34 5.54
CA ASN A 328 7.30 -31.79 4.27
C ASN A 328 6.56 -30.68 3.54
N HIS A 329 5.96 -29.75 4.26
CA HIS A 329 5.11 -28.72 3.72
C HIS A 329 5.88 -27.50 3.25
N ARG A 330 7.00 -27.16 3.89
CA ARG A 330 7.74 -25.96 3.54
C ARG A 330 9.07 -26.24 2.87
N LEU A 331 9.32 -27.48 2.51
CA LEU A 331 10.39 -27.83 1.59
C LEU A 331 9.86 -28.03 0.18
N LYS A 332 8.60 -28.42 0.04
CA LYS A 332 7.93 -28.46 -1.27
C LYS A 332 7.64 -27.06 -1.77
N ASN A 333 7.50 -26.09 -0.86
CA ASN A 333 7.31 -24.70 -1.24
C ASN A 333 8.48 -24.17 -2.04
N LYS A 334 9.69 -24.64 -1.74
CA LYS A 334 10.88 -24.14 -2.42
C LYS A 334 11.09 -24.82 -3.77
N ILE A 335 10.45 -25.95 -4.01
CA ILE A 335 10.51 -26.58 -5.32
C ILE A 335 9.56 -25.91 -6.30
N VAL A 336 8.36 -25.55 -5.82
CA VAL A 336 7.37 -24.91 -6.69
C VAL A 336 7.80 -23.49 -7.03
N GLN A 337 8.40 -22.78 -6.08
CA GLN A 337 8.98 -21.47 -6.38
C GLN A 337 10.15 -21.57 -7.32
N ARG A 338 10.86 -22.70 -7.33
CA ARG A 338 11.97 -22.90 -8.26
C ARG A 338 11.46 -23.08 -9.69
N ILE A 339 10.34 -23.76 -9.85
CA ILE A 339 9.77 -24.02 -11.16
C ILE A 339 9.27 -22.73 -11.80
N LEU A 340 8.57 -21.89 -11.03
CA LEU A 340 7.99 -20.70 -11.64
C LEU A 340 9.06 -19.66 -11.94
N GLN A 341 10.14 -19.62 -11.17
CA GLN A 341 11.02 -18.45 -11.22
C GLN A 341 11.93 -18.50 -12.44
N GLU A 342 12.18 -19.68 -12.98
CA GLU A 342 12.83 -19.80 -14.28
C GLU A 342 11.89 -20.30 -15.36
N GLY A 343 10.61 -20.49 -15.05
CA GLY A 343 9.61 -20.44 -16.09
C GLY A 343 9.25 -19.03 -16.49
N LYS A 344 9.56 -18.05 -15.64
CA LYS A 344 9.45 -16.65 -16.02
C LYS A 344 10.58 -16.26 -16.95
N LEU A 345 11.74 -16.86 -16.78
CA LEU A 345 12.88 -16.54 -17.62
C LEU A 345 12.77 -17.13 -19.02
N ALA A 346 11.76 -17.95 -19.29
CA ALA A 346 11.53 -18.45 -20.64
C ALA A 346 10.40 -17.72 -21.36
N SER A 347 9.45 -17.14 -20.63
CA SER A 347 8.39 -16.37 -21.28
C SER A 347 8.93 -15.06 -21.84
N TYR A 348 9.92 -14.48 -21.18
CA TYR A 348 10.73 -13.45 -21.79
C TYR A 348 12.00 -14.13 -22.32
N GLU A 349 12.55 -13.59 -23.40
CA GLU A 349 13.68 -14.24 -24.06
C GLU A 349 14.97 -13.73 -23.44
N ILE A 350 15.15 -14.05 -22.17
CA ILE A 350 16.07 -13.32 -21.30
C ILE A 350 17.01 -14.23 -20.54
N GLU A 351 16.86 -15.55 -20.65
CA GLU A 351 17.45 -16.54 -19.76
C GLU A 351 18.96 -16.74 -19.93
N SER A 352 19.66 -15.87 -20.65
CA SER A 352 21.11 -15.89 -20.67
C SER A 352 21.71 -14.55 -20.27
N THR A 353 20.90 -13.50 -20.40
CA THR A 353 21.30 -12.10 -20.08
C THR A 353 20.43 -11.57 -18.94
N VAL A 354 19.90 -12.48 -18.10
CA VAL A 354 19.06 -12.00 -16.96
C VAL A 354 19.94 -11.04 -16.15
N ASN A 355 19.41 -9.87 -15.84
CA ASN A 355 20.20 -8.82 -15.14
C ASN A 355 19.36 -8.26 -14.00
N SER A 356 20.00 -7.71 -12.98
CA SER A 356 19.28 -7.08 -11.85
C SER A 356 18.48 -5.91 -12.42
N ASN A 357 19.05 -5.19 -13.39
CA ASN A 357 18.37 -4.01 -13.97
C ASN A 357 17.20 -4.46 -14.83
N SER A 358 17.39 -5.53 -15.61
CA SER A 358 16.34 -6.09 -16.50
C SER A 358 15.15 -6.63 -15.69
N LEU A 359 15.42 -7.25 -14.54
CA LEU A 359 14.35 -7.83 -13.67
C LEU A 359 13.42 -6.73 -13.14
N GLN A 360 13.98 -5.57 -12.75
CA GLN A 360 13.15 -4.46 -12.21
C GLN A 360 12.18 -3.97 -13.28
N LYS A 361 12.64 -3.87 -14.52
CA LYS A 361 11.82 -3.40 -15.63
C LYS A 361 10.57 -4.25 -15.83
N ILE A 362 10.65 -5.54 -15.54
CA ILE A 362 9.50 -6.42 -15.63
C ILE A 362 8.53 -6.17 -14.47
N LYS A 363 9.04 -5.73 -13.32
CA LYS A 363 8.18 -5.45 -12.17
C LYS A 363 7.23 -4.30 -12.45
N ILE A 364 7.67 -3.34 -13.25
CA ILE A 364 6.90 -2.13 -13.49
C ILE A 364 5.81 -2.38 -14.53
N GLU A 365 6.15 -2.99 -15.66
CA GLU A 365 5.15 -3.21 -16.68
C GLU A 365 4.18 -4.31 -16.33
N GLU A 366 4.39 -5.08 -15.25
CA GLU A 366 3.38 -5.96 -14.71
C GLU A 366 2.57 -5.31 -13.61
N ALA A 367 2.71 -4.01 -13.42
CA ALA A 367 1.78 -3.26 -12.58
C ALA A 367 0.77 -2.49 -13.38
N PHE A 368 1.18 -1.87 -14.48
CA PHE A 368 0.21 -1.25 -15.38
C PHE A 368 -0.65 -2.28 -16.06
N ALA A 369 -0.06 -3.40 -16.47
CA ALA A 369 -0.84 -4.45 -17.10
C ALA A 369 -1.75 -5.16 -16.12
N LEU A 370 -1.41 -5.14 -14.83
CA LEU A 370 -2.27 -5.75 -13.82
C LEU A 370 -3.43 -4.84 -13.44
N LYS A 371 -3.20 -3.53 -13.32
CA LYS A 371 -4.27 -2.61 -12.97
C LYS A 371 -5.24 -2.41 -14.14
N PHE A 372 -4.75 -2.61 -15.37
CA PHE A 372 -5.59 -2.47 -16.55
C PHE A 372 -6.57 -3.64 -16.69
N ILE A 373 -6.22 -4.81 -16.15
CA ILE A 373 -7.07 -6.00 -16.29
C ILE A 373 -8.28 -5.92 -15.36
N ASN A 374 -8.09 -5.51 -14.11
CA ASN A 374 -9.19 -5.46 -13.15
C ASN A 374 -10.20 -4.38 -13.48
N ALA A 375 -9.85 -3.42 -14.31
CA ALA A 375 -10.82 -2.47 -14.81
C ALA A 375 -11.69 -3.08 -15.91
N CYS A 376 -11.10 -3.93 -16.75
CA CYS A 376 -11.88 -4.60 -17.78
C CYS A 376 -12.82 -5.65 -17.21
N LEU A 377 -12.47 -6.29 -16.09
CA LEU A 377 -13.37 -7.23 -15.46
C LEU A 377 -14.57 -6.54 -14.84
N PHE A 378 -14.42 -5.29 -14.41
CA PHE A 378 -15.55 -4.56 -13.86
C PHE A 378 -16.36 -3.88 -14.95
N ALA A 379 -15.73 -3.57 -16.09
CA ALA A 379 -16.49 -3.06 -17.22
C ALA A 379 -17.26 -4.17 -17.92
N SER A 380 -16.68 -5.36 -17.97
CA SER A 380 -17.38 -6.50 -18.55
C SER A 380 -18.54 -6.97 -17.70
N ASN A 381 -18.49 -6.75 -16.39
CA ASN A 381 -19.63 -7.01 -15.54
C ASN A 381 -20.80 -6.09 -15.89
N ASN A 382 -20.49 -4.82 -16.17
CA ASN A 382 -21.53 -3.84 -16.46
C ASN A 382 -22.20 -4.12 -17.79
N LEU A 383 -21.48 -4.71 -18.74
CA LEU A 383 -22.07 -5.08 -20.01
C LEU A 383 -22.91 -6.34 -19.90
N ARG A 384 -22.65 -7.16 -18.87
CA ARG A 384 -23.46 -8.34 -18.63
C ARG A 384 -24.88 -7.96 -18.21
N ASN A 385 -25.01 -6.97 -17.34
CA ASN A 385 -26.30 -6.65 -16.76
C ASN A 385 -27.23 -5.98 -17.77
N MET A 386 -26.70 -5.37 -18.82
CA MET A 386 -27.56 -4.86 -19.88
C MET A 386 -28.13 -6.00 -20.71
N VAL A 387 -27.28 -6.93 -21.12
CA VAL A 387 -27.69 -7.93 -22.08
C VAL A 387 -28.44 -9.07 -21.40
N TYR A 388 -27.79 -9.76 -20.48
CA TYR A 388 -28.33 -10.99 -19.91
C TYR A 388 -27.70 -11.23 -18.54
N PRO A 389 -28.42 -10.90 -17.46
CA PRO A 389 -27.79 -10.85 -16.13
C PRO A 389 -27.52 -12.19 -15.48
N VAL A 390 -27.69 -13.32 -16.17
CA VAL A 390 -27.73 -14.62 -15.51
C VAL A 390 -26.53 -15.50 -15.91
N SER A 404 -25.74 -15.88 -25.07
CA SER A 404 -26.19 -14.92 -24.07
C SER A 404 -27.11 -13.87 -24.65
N PHE A 405 -27.02 -13.60 -25.95
CA PHE A 405 -27.77 -12.53 -26.58
C PHE A 405 -29.25 -12.83 -26.71
N LYS A 406 -29.66 -14.09 -26.60
CA LYS A 406 -31.02 -14.48 -26.97
C LYS A 406 -32.06 -13.95 -25.98
N GLU A 407 -31.76 -14.01 -24.69
CA GLU A 407 -32.73 -13.65 -23.66
C GLU A 407 -32.48 -12.21 -23.23
N ILE A 408 -33.20 -11.28 -23.87
CA ILE A 408 -33.10 -9.86 -23.57
C ILE A 408 -34.43 -9.40 -23.02
N LYS A 409 -34.42 -8.83 -21.81
CA LYS A 409 -35.52 -7.99 -21.38
C LYS A 409 -35.44 -6.69 -22.16
N HIS A 410 -36.46 -6.43 -22.98
CA HIS A 410 -36.36 -5.34 -23.93
C HIS A 410 -36.59 -3.98 -23.30
N LYS A 411 -37.53 -3.89 -22.36
CA LYS A 411 -37.84 -2.61 -21.74
C LYS A 411 -36.76 -2.21 -20.73
N LYS A 412 -36.08 -3.19 -20.14
CA LYS A 412 -35.03 -2.89 -19.18
C LYS A 412 -33.78 -2.33 -19.85
N PHE A 413 -33.51 -2.77 -21.08
CA PHE A 413 -32.30 -2.37 -21.81
C PHE A 413 -32.27 -0.88 -22.11
N ILE A 414 -33.40 -0.31 -22.54
CA ILE A 414 -33.46 1.11 -22.86
C ILE A 414 -33.34 1.93 -21.59
N ARG A 415 -33.98 1.46 -20.52
CA ARG A 415 -33.89 2.14 -19.23
C ARG A 415 -32.49 2.05 -18.66
N GLN A 416 -31.79 0.94 -18.92
CA GLN A 416 -30.42 0.77 -18.45
C GLN A 416 -29.45 1.62 -19.27
N TRP A 417 -29.73 1.81 -20.56
CA TRP A 417 -28.86 2.57 -21.45
C TRP A 417 -28.85 4.04 -21.13
N SER A 418 -29.98 4.59 -20.67
CA SER A 418 -30.11 6.00 -20.40
C SER A 418 -29.39 6.46 -19.14
N GLN A 419 -28.85 5.54 -18.34
CA GLN A 419 -28.11 5.94 -17.15
C GLN A 419 -26.62 6.05 -17.38
N PHE A 420 -26.04 5.11 -18.12
CA PHE A 420 -24.64 5.22 -18.50
C PHE A 420 -24.44 6.35 -19.50
N PHE A 421 -25.19 6.33 -20.58
CA PHE A 421 -25.16 7.35 -21.62
C PHE A 421 -26.35 8.27 -21.41
N SER A 422 -26.13 9.56 -21.56
CA SER A 422 -27.21 10.52 -21.30
C SER A 422 -28.18 10.66 -22.47
N GLN A 423 -28.04 9.86 -23.53
CA GLN A 423 -28.89 9.94 -24.70
C GLN A 423 -29.96 8.86 -24.63
N GLU A 424 -30.73 8.74 -25.71
CA GLU A 424 -31.81 7.76 -25.79
C GLU A 424 -31.66 6.93 -27.05
N ILE A 425 -31.72 5.61 -26.91
CA ILE A 425 -31.55 4.70 -28.01
C ILE A 425 -32.94 4.37 -28.55
N THR A 426 -32.99 3.99 -29.82
CA THR A 426 -34.22 3.59 -30.46
C THR A 426 -34.49 2.11 -30.19
N VAL A 427 -35.58 1.61 -30.78
CA VAL A 427 -35.90 0.20 -30.67
C VAL A 427 -35.09 -0.60 -31.68
N ASP A 428 -34.59 0.05 -32.72
CA ASP A 428 -34.01 -0.63 -33.87
C ASP A 428 -32.49 -0.63 -33.87
N ASP A 429 -31.84 -0.33 -32.75
CA ASP A 429 -30.38 -0.26 -32.71
C ASP A 429 -29.72 -1.35 -31.90
N ILE A 430 -30.49 -2.29 -31.34
CA ILE A 430 -29.83 -3.32 -30.54
C ILE A 430 -29.49 -4.48 -31.45
N GLU A 431 -28.51 -4.27 -32.33
CA GLU A 431 -27.72 -5.30 -32.98
C GLU A 431 -26.34 -4.67 -33.12
N LEU A 432 -26.36 -3.35 -33.06
CA LEU A 432 -25.23 -2.50 -33.37
C LEU A 432 -24.69 -1.81 -32.13
N ALA A 433 -25.49 -1.73 -31.08
CA ALA A 433 -25.04 -1.20 -29.81
C ALA A 433 -24.54 -2.30 -28.88
N SER A 434 -25.23 -3.43 -28.84
CA SER A 434 -24.79 -4.54 -28.00
C SER A 434 -23.62 -5.29 -28.61
N TRP A 435 -23.46 -5.24 -29.94
CA TRP A 435 -22.24 -5.75 -30.56
C TRP A 435 -21.19 -4.66 -30.74
N GLY A 436 -21.58 -3.41 -30.57
CA GLY A 436 -20.61 -2.33 -30.70
C GLY A 436 -19.83 -2.07 -29.42
N LEU A 437 -20.46 -2.28 -28.27
CA LEU A 437 -19.75 -2.10 -27.01
C LEU A 437 -18.77 -3.23 -26.75
N ARG A 438 -19.15 -4.47 -27.07
CA ARG A 438 -18.31 -5.62 -26.76
C ARG A 438 -17.03 -5.61 -27.57
N GLY A 439 -17.03 -5.01 -28.74
CA GLY A 439 -15.80 -4.84 -29.49
C GLY A 439 -14.89 -3.75 -28.99
N ALA A 440 -15.28 -3.05 -27.93
CA ALA A 440 -14.42 -2.07 -27.30
C ALA A 440 -13.70 -2.62 -26.09
N ILE A 441 -14.26 -3.62 -25.42
CA ILE A 441 -13.65 -4.18 -24.23
C ILE A 441 -12.79 -5.40 -24.57
N ALA A 442 -13.26 -6.23 -25.52
CA ALA A 442 -12.62 -7.52 -25.77
C ALA A 442 -11.22 -7.42 -26.41
N PRO A 443 -10.99 -6.72 -27.55
CA PRO A 443 -9.68 -6.86 -28.19
C PRO A 443 -8.55 -6.17 -27.44
N ILE A 449 -3.85 -10.00 -21.30
CA ILE A 449 -3.72 -11.17 -20.44
C ILE A 449 -2.50 -11.99 -20.84
N HIS A 450 -2.07 -11.89 -22.09
CA HIS A 450 -0.81 -12.50 -22.52
C HIS A 450 0.34 -11.66 -21.99
N LEU A 451 0.99 -12.14 -20.93
CA LEU A 451 2.12 -11.43 -20.34
C LEU A 451 3.35 -11.67 -21.20
N LYS A 452 3.67 -10.70 -22.06
CA LYS A 452 4.80 -10.80 -22.98
C LYS A 452 5.25 -9.40 -23.35
N LYS A 453 6.10 -9.31 -24.39
CA LYS A 453 6.56 -8.02 -24.89
C LYS A 453 5.42 -7.30 -25.61
N HIS A 454 4.91 -6.24 -25.00
CA HIS A 454 3.81 -5.48 -25.56
C HIS A 454 4.33 -4.33 -26.41
N SER A 455 3.60 -4.04 -27.48
CA SER A 455 3.77 -2.84 -28.28
C SER A 455 2.49 -2.03 -28.10
N TRP A 456 2.61 -0.90 -27.41
CA TRP A 456 1.43 -0.21 -26.91
C TRP A 456 0.78 0.70 -27.95
N LYS A 457 1.47 1.00 -29.04
CA LYS A 457 0.82 1.46 -30.23
C LYS A 457 0.14 0.26 -30.91
N LYS A 458 -1.02 0.53 -31.54
CA LYS A 458 -2.03 -0.47 -31.87
C LYS A 458 -2.48 -1.28 -30.67
N PHE A 459 -2.78 -0.60 -29.56
CA PHE A 459 -3.40 -1.19 -28.37
C PHE A 459 -4.55 -0.34 -27.87
N PHE A 460 -4.61 0.92 -28.27
CA PHE A 460 -5.71 1.83 -27.98
C PHE A 460 -6.47 2.24 -29.23
N ASN A 461 -6.08 1.75 -30.42
CA ASN A 461 -6.65 2.28 -31.65
C ASN A 461 -8.00 1.63 -31.98
N ASN A 462 -7.99 0.33 -32.32
CA ASN A 462 -9.14 -0.55 -32.60
C ASN A 462 -10.21 0.07 -33.50
N PRO A 463 -9.98 0.16 -34.81
CA PRO A 463 -10.90 0.92 -35.66
C PRO A 463 -12.24 0.23 -35.88
N THR A 464 -12.28 -1.09 -35.85
CA THR A 464 -13.44 -1.85 -36.29
C THR A 464 -14.04 -2.67 -35.16
N PHE A 465 -15.25 -3.14 -35.40
CA PHE A 465 -15.84 -4.21 -34.61
C PHE A 465 -16.68 -5.06 -35.55
N LYS A 466 -16.77 -6.34 -35.24
CA LYS A 466 -17.46 -7.28 -36.10
C LYS A 466 -18.86 -7.57 -35.56
N VAL A 467 -19.76 -7.91 -36.48
CA VAL A 467 -21.11 -8.33 -36.16
C VAL A 467 -21.36 -9.64 -36.88
N LYS A 468 -21.64 -10.69 -36.13
CA LYS A 468 -21.94 -11.97 -36.77
C LYS A 468 -23.38 -12.38 -36.50
N LYS A 469 -23.91 -13.19 -37.42
CA LYS A 469 -25.23 -13.79 -37.28
C LYS A 469 -25.15 -15.31 -37.41
N THR A 481 -20.55 -12.88 -39.83
CA THR A 481 -19.45 -11.94 -39.62
C THR A 481 -19.42 -10.88 -40.72
N SER A 482 -19.55 -9.61 -40.33
CA SER A 482 -19.52 -8.50 -41.28
C SER A 482 -19.10 -7.25 -40.53
N GLU A 483 -17.85 -6.82 -40.73
CA GLU A 483 -17.28 -5.77 -39.90
C GLU A 483 -17.80 -4.39 -40.26
N PHE A 484 -17.77 -3.50 -39.28
CA PHE A 484 -18.16 -2.10 -39.41
C PHE A 484 -16.99 -1.25 -38.96
N LEU A 485 -17.01 0.02 -39.35
CA LEU A 485 -16.18 0.99 -38.64
C LEU A 485 -16.99 1.59 -37.50
N TYR A 486 -16.28 2.20 -36.55
CA TYR A 486 -16.98 3.03 -35.57
C TYR A 486 -17.24 4.44 -36.07
N LYS A 487 -16.76 4.78 -37.27
CA LYS A 487 -16.96 6.13 -37.78
C LYS A 487 -18.33 6.29 -38.41
N GLU A 488 -18.71 5.34 -39.26
CA GLU A 488 -20.06 5.39 -39.86
C GLU A 488 -21.02 4.66 -38.92
N THR A 489 -21.11 5.12 -37.66
CA THR A 489 -21.97 4.48 -36.62
C THR A 489 -22.62 5.56 -35.72
N LEU A 490 -23.65 5.16 -34.97
CA LEU A 490 -24.38 6.04 -34.02
C LEU A 490 -23.47 6.50 -32.86
N PHE A 491 -22.47 5.70 -32.51
CA PHE A 491 -21.51 5.99 -31.40
C PHE A 491 -20.70 7.26 -31.69
N LYS A 492 -20.44 7.53 -32.97
CA LYS A 492 -19.65 8.72 -33.41
C LYS A 492 -20.39 10.00 -32.99
N ASP A 493 -21.71 10.01 -33.15
CA ASP A 493 -22.52 11.21 -32.78
C ASP A 493 -22.41 11.44 -31.27
N TYR A 494 -22.45 10.35 -30.48
CA TYR A 494 -22.36 10.44 -29.00
C TYR A 494 -21.03 11.03 -28.56
N PHE A 495 -19.92 10.57 -29.16
CA PHE A 495 -18.58 11.05 -28.77
C PHE A 495 -18.41 12.54 -29.06
N TYR A 496 -18.82 12.97 -30.26
CA TYR A 496 -18.69 14.39 -30.66
C TYR A 496 -19.63 15.29 -29.84
N SER A 497 -20.81 14.80 -29.51
CA SER A 497 -21.79 15.57 -28.70
C SER A 497 -21.18 15.86 -27.33
N GLU A 498 -20.51 14.87 -26.75
CA GLU A 498 -19.86 14.98 -25.42
C GLU A 498 -18.73 16.03 -25.47
N LEU A 499 -17.96 16.07 -26.56
CA LEU A 499 -16.83 16.99 -26.65
C LEU A 499 -17.27 18.44 -26.75
N ASP A 500 -18.36 18.70 -27.45
CA ASP A 500 -18.78 20.08 -27.66
C ASP A 500 -19.69 20.58 -26.56
N SER A 501 -19.84 19.86 -25.47
CA SER A 501 -20.60 20.31 -24.31
C SER A 501 -19.73 20.47 -23.08
N VAL A 502 -18.41 20.45 -23.25
CA VAL A 502 -17.51 20.64 -22.10
C VAL A 502 -17.62 22.02 -21.45
N PRO A 503 -17.70 23.14 -22.21
CA PRO A 503 -17.86 24.43 -21.50
C PRO A 503 -19.19 24.64 -20.80
N GLU A 504 -20.19 23.78 -21.00
CA GLU A 504 -21.41 23.92 -20.19
C GLU A 504 -21.52 22.87 -19.10
N LEU A 505 -20.73 21.79 -19.17
CA LEU A 505 -20.65 20.87 -18.05
C LEU A 505 -19.86 21.46 -16.91
N ILE A 506 -18.93 22.37 -17.21
CA ILE A 506 -18.25 23.12 -16.16
C ILE A 506 -19.22 24.05 -15.46
N ILE A 507 -20.12 24.68 -16.21
CA ILE A 507 -21.04 25.66 -15.64
C ILE A 507 -22.06 24.98 -14.73
N ASN A 508 -22.53 23.80 -15.10
CA ASN A 508 -23.49 23.10 -14.26
C ASN A 508 -22.86 22.51 -13.00
N LYS A 509 -21.54 22.34 -13.03
CA LYS A 509 -20.77 21.89 -11.84
C LYS A 509 -20.56 23.11 -10.95
N MET A 510 -20.54 24.29 -11.59
CA MET A 510 -20.37 25.60 -10.90
C MET A 510 -21.74 26.07 -10.40
N GLU A 511 -22.80 25.75 -11.16
CA GLU A 511 -24.19 26.14 -10.80
C GLU A 511 -24.58 25.42 -9.50
N SER A 512 -24.21 24.14 -9.41
CA SER A 512 -24.43 23.29 -8.22
C SER A 512 -23.37 23.63 -7.17
N SER A 513 -23.61 23.25 -5.92
CA SER A 513 -22.65 23.53 -4.81
C SER A 513 -22.35 25.03 -4.73
N LYS A 514 -23.38 25.87 -4.80
CA LYS A 514 -23.23 27.34 -4.72
C LYS A 514 -22.31 27.83 -5.86
N ILE A 515 -21.21 28.50 -5.51
CA ILE A 515 -20.18 29.09 -6.43
C ILE A 515 -20.71 30.34 -7.13
N LEU A 516 -21.75 30.21 -7.96
CA LEU A 516 -22.36 31.36 -8.68
C LEU A 516 -23.21 32.21 -7.72
N ASP A 517 -23.65 31.62 -6.61
CA ASP A 517 -24.50 32.34 -5.61
C ASP A 517 -23.61 33.06 -4.58
N TYR A 518 -22.29 32.87 -4.65
CA TYR A 518 -21.38 33.52 -3.67
C TYR A 518 -20.31 34.34 -4.39
N TYR A 519 -20.25 34.22 -5.72
CA TYR A 519 -19.24 34.97 -6.53
C TYR A 519 -19.94 35.66 -7.69
N SER A 520 -19.39 36.80 -8.15
CA SER A 520 -19.94 37.53 -9.27
C SER A 520 -19.26 37.11 -10.56
N SER A 521 -19.96 37.29 -11.68
CA SER A 521 -19.49 36.75 -12.95
C SER A 521 -18.30 37.51 -13.51
N ASP A 522 -18.05 38.74 -13.06
CA ASP A 522 -16.82 39.41 -13.42
C ASP A 522 -15.62 38.81 -12.70
N GLN A 523 -15.83 38.24 -11.52
CA GLN A 523 -14.80 37.55 -10.78
C GLN A 523 -14.65 36.10 -11.21
N LEU A 524 -15.35 35.64 -12.23
CA LEU A 524 -15.13 34.31 -12.77
C LEU A 524 -14.68 34.33 -14.22
N ASN A 525 -14.79 35.45 -14.90
CA ASN A 525 -14.26 35.55 -16.25
C ASN A 525 -12.78 35.83 -16.28
N GLN A 526 -12.13 35.95 -15.12
CA GLN A 526 -10.69 36.17 -15.04
C GLN A 526 -9.97 35.00 -14.42
N VAL A 527 -10.63 33.86 -14.31
CA VAL A 527 -9.97 32.62 -13.89
C VAL A 527 -9.82 31.66 -15.06
N PHE A 528 -10.72 31.73 -16.04
CA PHE A 528 -10.62 30.87 -17.25
C PHE A 528 -9.97 31.69 -18.38
N THR A 529 -9.73 32.97 -18.14
CA THR A 529 -9.16 33.90 -19.17
C THR A 529 -7.65 34.08 -19.00
N ILE A 530 -7.05 33.48 -17.97
CA ILE A 530 -5.58 33.68 -17.76
C ILE A 530 -4.81 33.14 -18.98
N PRO A 531 -3.85 33.88 -19.54
CA PRO A 531 -3.06 33.41 -20.68
C PRO A 531 -2.13 32.27 -20.26
N ASN A 532 -1.97 31.27 -21.14
CA ASN A 532 -1.13 30.04 -21.01
C ASN A 532 -1.84 28.94 -20.18
N PHE A 533 -3.06 29.21 -19.73
CA PHE A 533 -3.88 28.21 -18.98
C PHE A 533 -5.20 28.05 -19.73
N GLU A 534 -5.55 26.84 -20.13
CA GLU A 534 -6.79 26.67 -20.95
C GLU A 534 -7.77 25.65 -20.36
N LEU A 535 -7.80 25.46 -19.04
CA LEU A 535 -8.77 24.53 -18.39
C LEU A 535 -8.68 23.15 -19.06
N SER A 536 -7.47 22.60 -19.17
CA SER A 536 -7.26 21.35 -19.88
C SER A 536 -8.10 20.22 -19.29
N LEU A 537 -8.09 19.08 -19.98
CA LEU A 537 -8.60 17.84 -19.41
C LEU A 537 -7.47 16.96 -18.87
N LEU A 538 -6.23 17.24 -19.26
CA LEU A 538 -5.09 16.58 -18.64
C LEU A 538 -4.91 17.12 -17.23
N THR A 539 -4.30 16.34 -16.35
CA THR A 539 -4.18 16.74 -14.96
C THR A 539 -2.79 16.73 -14.37
N SER A 540 -1.85 15.93 -14.87
CA SER A 540 -0.48 15.90 -14.37
C SER A 540 0.42 15.17 -15.35
N ALA A 541 1.72 15.39 -15.19
CA ALA A 541 2.75 14.72 -15.97
C ALA A 541 3.85 14.28 -15.03
N VAL A 542 3.48 13.61 -13.95
CA VAL A 542 4.38 13.38 -12.82
C VAL A 542 3.88 12.14 -12.12
N PRO A 543 4.76 11.26 -11.61
CA PRO A 543 4.27 10.05 -10.94
C PRO A 543 3.57 10.27 -9.60
N PHE A 544 4.15 11.04 -8.71
CA PHE A 544 3.64 11.18 -7.34
C PHE A 544 3.16 12.61 -7.11
N ALA A 545 1.93 12.90 -7.51
CA ALA A 545 1.36 14.21 -7.23
C ALA A 545 0.22 14.06 -6.24
N PRO A 546 -0.01 15.01 -5.33
CA PRO A 546 -1.04 14.82 -4.31
C PRO A 546 -2.44 14.97 -4.86
N SER A 547 -3.41 14.55 -4.06
CA SER A 547 -4.78 14.96 -4.25
C SER A 547 -4.96 16.36 -3.70
N PHE A 548 -6.10 16.99 -3.99
CA PHE A 548 -6.29 18.36 -3.56
C PHE A 548 -6.58 18.45 -2.07
N LYS A 549 -7.34 17.52 -1.52
CA LYS A 549 -7.67 17.60 -0.11
C LYS A 549 -6.49 17.26 0.78
N ARG A 550 -5.44 16.66 0.23
CA ARG A 550 -4.19 16.53 0.94
C ARG A 550 -3.43 17.85 0.90
N VAL A 551 -3.60 18.61 -0.18
CA VAL A 551 -2.90 19.88 -0.28
C VAL A 551 -3.57 20.94 0.59
N TYR A 552 -4.89 21.07 0.50
CA TYR A 552 -5.55 22.14 1.23
C TYR A 552 -5.60 21.88 2.73
N LEU A 553 -5.72 20.63 3.15
CA LEU A 553 -5.78 20.36 4.59
C LEU A 553 -4.42 20.50 5.23
N LYS A 554 -3.37 19.99 4.57
CA LYS A 554 -2.04 20.09 5.15
C LYS A 554 -1.50 21.51 5.02
N GLY A 555 -2.01 22.29 4.06
CA GLY A 555 -1.59 23.67 3.95
C GLY A 555 -2.14 24.55 5.06
N PHE A 556 -3.27 24.15 5.63
CA PHE A 556 -3.80 24.81 6.82
C PHE A 556 -2.87 24.64 8.00
N ASP A 557 -2.11 23.55 8.04
CA ASP A 557 -1.23 23.26 9.16
C ASP A 557 0.04 24.10 9.14
N TYR A 558 0.54 24.47 7.96
CA TYR A 558 1.75 25.29 7.91
C TYR A 558 1.47 26.77 8.11
N GLN A 559 0.32 27.25 7.64
CA GLN A 559 0.03 28.66 7.81
C GLN A 559 -0.36 28.98 9.24
N ASN A 560 -1.32 28.23 9.78
CA ASN A 560 -1.78 28.46 11.14
C ASN A 560 -0.93 27.64 12.09
N GLN A 561 0.03 28.33 12.71
CA GLN A 561 1.04 27.73 13.57
C GLN A 561 1.35 28.69 14.72
N ASP A 562 1.84 28.13 15.84
CA ASP A 562 1.84 28.80 17.14
C ASP A 562 2.67 30.08 17.22
N GLU A 563 3.70 30.22 16.37
CA GLU A 563 4.62 31.38 16.36
C GLU A 563 5.35 31.55 17.70
N ALA A 564 5.58 30.42 18.38
CA ALA A 564 6.25 30.41 19.69
C ALA A 564 7.41 29.43 19.72
N GLN A 565 8.14 29.29 18.63
CA GLN A 565 9.01 28.15 18.38
C GLN A 565 10.25 28.59 17.59
N PRO A 566 11.19 27.67 17.30
CA PRO A 566 12.15 27.92 16.20
C PRO A 566 11.44 27.89 14.85
N ASP A 567 10.92 29.06 14.46
CA ASP A 567 9.87 29.17 13.44
C ASP A 567 10.33 28.67 12.07
N TYR A 568 9.51 27.79 11.49
CA TYR A 568 9.70 27.22 10.16
C TYR A 568 8.70 27.84 9.19
N ASN A 569 8.97 29.06 8.77
CA ASN A 569 8.00 29.80 7.97
C ASN A 569 8.11 29.43 6.50
N LEU A 570 6.96 29.18 5.87
CA LEU A 570 6.89 28.93 4.45
C LEU A 570 6.30 30.09 3.66
N LYS A 571 5.84 31.14 4.33
CA LYS A 571 5.26 32.35 3.74
C LYS A 571 4.04 32.01 2.87
N LEU A 572 3.01 31.54 3.54
CA LEU A 572 1.75 31.11 2.94
C LEU A 572 0.64 32.07 3.32
N ASN A 573 -0.37 32.18 2.45
CA ASN A 573 -1.45 33.10 2.78
C ASN A 573 -2.86 32.67 2.41
N ILE A 574 -3.07 31.60 1.66
CA ILE A 574 -4.41 31.29 1.15
C ILE A 574 -5.08 30.13 1.85
N TYR A 575 -4.46 29.54 2.86
CA TYR A 575 -5.04 28.39 3.53
C TYR A 575 -5.71 28.89 4.80
N ASN A 576 -6.92 29.42 4.62
CA ASN A 576 -7.53 30.29 5.61
C ASN A 576 -8.42 29.55 6.61
N GLU A 577 -9.42 28.81 6.15
CA GLU A 577 -10.41 28.20 7.03
C GLU A 577 -10.35 26.69 6.92
N LYS A 578 -11.07 26.02 7.80
CA LYS A 578 -11.23 24.57 7.70
C LYS A 578 -12.66 24.16 8.02
N ALA A 579 -13.53 25.10 8.37
CA ALA A 579 -14.87 24.80 8.89
C ALA A 579 -15.79 24.39 7.74
N PHE A 580 -16.04 23.09 7.64
CA PHE A 580 -16.90 22.49 6.61
C PHE A 580 -18.39 22.65 6.87
N ASN A 581 -18.80 23.40 7.89
CA ASN A 581 -20.19 23.42 8.29
C ASN A 581 -21.00 24.54 7.66
N SER A 582 -20.35 25.41 6.91
CA SER A 582 -20.99 26.56 6.28
C SER A 582 -21.29 26.23 4.82
N GLU A 583 -22.04 27.12 4.17
CA GLU A 583 -22.10 27.09 2.72
C GLU A 583 -21.18 28.10 2.07
N ALA A 584 -20.70 29.08 2.82
CA ALA A 584 -19.77 30.04 2.25
C ALA A 584 -18.42 29.39 2.00
N PHE A 585 -17.94 28.58 2.96
CA PHE A 585 -16.68 27.88 2.81
C PHE A 585 -16.78 26.76 1.79
N GLN A 586 -17.96 26.15 1.65
CA GLN A 586 -18.08 25.07 0.68
C GLN A 586 -18.22 25.61 -0.74
N ALA A 587 -18.39 26.91 -0.88
CA ALA A 587 -18.24 27.55 -2.18
C ALA A 587 -16.77 27.70 -2.54
N GLN A 588 -15.94 28.26 -1.64
CA GLN A 588 -14.54 28.44 -1.97
C GLN A 588 -13.75 27.15 -1.97
N TYR A 589 -14.20 26.15 -1.22
CA TYR A 589 -13.52 24.86 -1.28
C TYR A 589 -13.77 24.18 -2.61
N SER A 590 -14.98 24.33 -3.13
CA SER A 590 -15.31 23.73 -4.41
C SER A 590 -14.72 24.49 -5.59
N LEU A 591 -14.40 25.77 -5.42
CA LEU A 591 -13.83 26.60 -6.48
C LEU A 591 -12.32 26.48 -6.54
N PHE A 592 -11.64 26.51 -5.40
CA PHE A 592 -10.23 26.12 -5.32
C PHE A 592 -9.96 24.73 -5.86
N LYS A 593 -10.91 23.81 -5.73
CA LYS A 593 -10.66 22.44 -6.14
C LYS A 593 -10.51 22.32 -7.64
N MET A 594 -11.27 23.10 -8.40
CA MET A 594 -11.26 23.00 -9.84
C MET A 594 -10.31 23.97 -10.52
N VAL A 595 -9.67 24.83 -9.73
CA VAL A 595 -8.63 25.75 -10.29
C VAL A 595 -7.27 25.08 -10.12
N TYR A 596 -7.20 24.04 -9.29
CA TYR A 596 -5.95 23.30 -8.99
C TYR A 596 -5.90 22.01 -9.82
N TYR A 597 -6.98 21.69 -10.55
CA TYR A 597 -7.01 20.44 -11.34
C TYR A 597 -7.03 20.70 -12.85
N GLN A 598 -7.73 21.74 -13.30
CA GLN A 598 -7.86 22.00 -14.76
C GLN A 598 -6.93 23.13 -15.23
N VAL A 599 -6.83 24.22 -14.46
CA VAL A 599 -6.00 25.39 -14.84
C VAL A 599 -4.54 25.26 -14.37
N PHE A 600 -4.30 24.82 -13.13
CA PHE A 600 -2.92 24.85 -12.58
C PHE A 600 -2.10 23.56 -12.68
N LEU A 601 -2.71 22.37 -12.51
CA LEU A 601 -1.86 21.14 -12.50
C LEU A 601 -1.15 20.91 -13.84
N PRO A 602 -1.80 21.07 -15.01
CA PRO A 602 -1.12 20.83 -16.29
C PRO A 602 0.06 21.75 -16.60
N GLN A 603 -0.09 23.05 -16.35
CA GLN A 603 0.95 24.08 -16.63
C GLN A 603 2.19 23.93 -15.74
N PHE A 604 1.98 23.68 -14.44
CA PHE A 604 3.02 23.59 -13.39
C PHE A 604 3.99 22.42 -13.61
N THR A 605 3.44 21.29 -14.05
CA THR A 605 4.10 20.01 -14.22
C THR A 605 4.94 19.97 -15.49
N THR A 606 4.66 20.84 -16.45
CA THR A 606 5.38 20.85 -17.70
C THR A 606 6.26 22.07 -17.90
N ASN A 607 6.17 23.08 -17.02
CA ASN A 607 7.12 24.18 -17.04
C ASN A 607 8.35 23.85 -16.23
N ASN A 608 9.52 24.00 -16.86
CA ASN A 608 10.79 23.75 -16.13
C ASN A 608 11.02 24.83 -15.07
N ASP A 609 10.85 26.10 -15.46
CA ASP A 609 11.09 27.27 -14.56
C ASP A 609 10.08 27.34 -13.41
N LEU A 610 8.79 27.15 -13.69
CA LEU A 610 7.75 27.27 -12.64
C LEU A 610 7.93 26.20 -11.55
N PHE A 611 8.14 24.94 -11.97
CA PHE A 611 8.31 23.80 -11.02
C PHE A 611 9.60 23.94 -10.22
N LYS A 612 10.69 24.30 -10.89
CA LYS A 612 12.05 24.42 -10.26
C LYS A 612 12.08 25.55 -9.22
N SER A 613 11.36 26.65 -9.48
CA SER A 613 11.42 27.79 -8.58
C SER A 613 10.72 27.50 -7.26
N SER A 614 9.94 26.42 -7.21
CA SER A 614 9.29 26.03 -5.98
C SER A 614 10.13 25.03 -5.20
N VAL A 615 10.90 24.20 -5.90
CA VAL A 615 11.76 23.23 -5.23
C VAL A 615 12.96 23.93 -4.61
N ASP A 616 13.48 24.95 -5.28
CA ASP A 616 14.63 25.69 -4.78
C ASP A 616 14.29 26.56 -3.58
N PHE A 617 13.03 26.93 -3.42
CA PHE A 617 12.62 27.58 -2.18
C PHE A 617 12.56 26.59 -1.04
N ILE A 618 12.15 25.35 -1.33
CA ILE A 618 11.92 24.37 -0.28
C ILE A 618 13.25 23.85 0.28
N LEU A 619 14.21 23.58 -0.59
CA LEU A 619 15.47 23.02 -0.13
C LEU A 619 16.29 24.05 0.64
N THR A 620 16.37 25.28 0.14
CA THR A 620 17.09 26.31 0.87
C THR A 620 16.33 26.84 2.08
N LEU A 621 15.05 26.52 2.24
CA LEU A 621 14.38 26.83 3.49
C LEU A 621 14.80 25.87 4.59
N ASN A 622 15.21 24.66 4.22
CA ASN A 622 15.53 23.64 5.21
C ASN A 622 17.01 23.64 5.60
N LYS A 623 17.93 23.66 4.63
CA LYS A 623 19.34 23.56 5.01
C LYS A 623 20.00 24.92 5.22
N GLU A 624 19.31 25.83 5.89
CA GLU A 624 19.86 27.14 6.20
C GLU A 624 19.48 27.54 7.61
N ARG A 625 19.62 26.59 8.54
CA ARG A 625 19.38 26.89 9.94
C ARG A 625 20.33 26.05 10.77
N LYS A 626 20.55 26.49 12.01
CA LYS A 626 21.67 26.02 12.81
C LYS A 626 21.47 24.59 13.30
N GLY A 627 22.57 23.90 13.46
CA GLY A 627 22.57 22.51 13.85
C GLY A 627 22.75 21.58 12.67
N TYR A 628 22.75 20.29 12.99
CA TYR A 628 22.94 19.22 12.02
C TYR A 628 21.66 18.48 11.70
N ALA A 629 20.63 18.63 12.51
CA ALA A 629 19.38 17.89 12.34
C ALA A 629 18.57 18.58 11.27
N LYS A 630 18.79 18.18 10.02
CA LYS A 630 18.13 18.76 8.85
C LYS A 630 17.74 17.62 7.93
N ALA A 631 16.45 17.41 7.73
CA ALA A 631 16.00 16.14 7.18
C ALA A 631 16.08 16.08 5.66
N PHE A 632 16.07 17.20 4.96
CA PHE A 632 16.17 17.19 3.51
C PHE A 632 17.63 17.35 3.10
N GLN A 633 18.47 16.54 3.70
CA GLN A 633 19.92 16.68 3.65
C GLN A 633 20.54 16.01 2.43
N ASP A 634 20.03 14.84 2.03
CA ASP A 634 20.70 14.00 1.05
C ASP A 634 19.93 13.88 -0.26
N ILE A 635 19.04 14.81 -0.57
CA ILE A 635 18.31 14.75 -1.83
C ILE A 635 18.67 15.99 -2.63
N ARG A 636 19.03 15.77 -3.90
CA ARG A 636 19.76 16.75 -4.67
C ARG A 636 18.85 17.78 -5.31
N LYS A 637 19.46 18.88 -5.74
CA LYS A 637 18.74 20.01 -6.30
C LYS A 637 18.51 19.77 -7.79
N MET A 638 17.46 20.38 -8.31
CA MET A 638 17.05 20.21 -9.69
C MET A 638 18.01 20.94 -10.62
N ASN A 639 18.53 20.23 -11.63
CA ASN A 639 19.45 20.82 -12.58
C ASN A 639 18.72 21.79 -13.49
N LYS A 640 19.49 22.61 -14.21
CA LYS A 640 18.87 23.41 -15.25
C LYS A 640 18.67 22.55 -16.49
N ASP A 641 17.68 22.95 -17.30
CA ASP A 641 17.24 22.24 -18.50
C ASP A 641 16.82 20.81 -18.18
N GLU A 642 16.12 20.63 -17.07
CA GLU A 642 15.68 19.32 -16.61
C GLU A 642 14.18 19.32 -16.47
N LYS A 643 13.51 18.38 -17.14
CA LYS A 643 12.06 18.34 -17.11
C LYS A 643 11.53 17.89 -15.76
N PRO A 644 10.36 18.36 -15.34
CA PRO A 644 9.82 17.94 -14.03
C PRO A 644 9.34 16.51 -13.99
N SER A 645 9.20 15.84 -15.13
CA SER A 645 8.96 14.40 -15.09
C SER A 645 10.25 13.61 -15.09
N GLU A 646 11.39 14.25 -14.93
CA GLU A 646 12.68 13.58 -14.82
C GLU A 646 13.33 13.80 -13.47
N TYR A 647 13.01 14.88 -12.79
CA TYR A 647 13.39 15.05 -11.41
C TYR A 647 12.47 14.30 -10.47
N MET A 648 11.20 14.17 -10.81
CA MET A 648 10.28 13.43 -9.97
C MET A 648 10.27 11.94 -10.25
N SER A 649 11.01 11.49 -11.25
CA SER A 649 11.32 10.07 -11.36
C SER A 649 12.54 9.70 -10.53
N TYR A 650 13.34 10.69 -10.14
CA TYR A 650 14.38 10.49 -9.15
C TYR A 650 13.81 10.40 -7.75
N ILE A 651 12.75 11.14 -7.48
CA ILE A 651 12.10 11.13 -6.17
C ILE A 651 11.35 9.82 -5.95
N GLN A 652 10.68 9.30 -6.99
CA GLN A 652 9.99 8.03 -6.89
C GLN A 652 10.95 6.88 -6.63
N SER A 653 12.14 6.93 -7.23
CA SER A 653 13.05 5.81 -7.11
C SER A 653 13.72 5.79 -5.75
N GLN A 654 14.04 6.96 -5.21
CA GLN A 654 14.59 7.05 -3.86
C GLN A 654 13.59 6.64 -2.81
N LEU A 655 12.32 6.86 -3.06
CA LEU A 655 11.27 6.49 -2.12
C LEU A 655 11.12 4.99 -1.99
N MET A 656 11.38 4.25 -3.06
CA MET A 656 11.16 2.81 -3.09
C MET A 656 12.42 2.00 -2.84
N LEU A 657 13.60 2.59 -2.97
CA LEU A 657 14.81 1.89 -2.56
C LEU A 657 15.01 1.97 -1.06
N TYR A 658 14.51 3.04 -0.44
CA TYR A 658 14.61 3.23 0.99
C TYR A 658 13.39 2.77 1.75
N GLN A 659 12.65 1.82 1.22
CA GLN A 659 11.40 1.46 1.87
C GLN A 659 11.64 0.52 3.04
N LYS A 660 12.67 -0.32 2.94
CA LYS A 660 12.99 -1.29 3.98
C LYS A 660 13.87 -0.70 5.07
N LYS A 661 14.82 0.15 4.70
CA LYS A 661 15.68 0.78 5.68
C LYS A 661 14.90 1.70 6.60
N GLN A 662 13.80 2.26 6.13
CA GLN A 662 12.95 3.10 6.94
C GLN A 662 12.02 2.34 7.85
N GLU A 663 11.85 1.04 7.64
CA GLU A 663 11.00 0.23 8.48
C GLU A 663 11.73 -0.69 9.45
N GLU A 664 13.00 -0.99 9.21
CA GLU A 664 13.81 -1.71 10.19
C GLU A 664 13.93 -0.92 11.48
N LYS A 665 14.26 0.35 11.35
CA LYS A 665 14.20 1.29 12.45
C LYS A 665 12.92 2.10 12.33
N GLU A 666 12.46 2.66 13.44
CA GLU A 666 11.15 3.30 13.43
C GLU A 666 11.29 4.74 12.96
N LYS A 667 11.47 4.92 11.64
CA LYS A 667 11.71 6.24 11.07
C LYS A 667 10.59 6.55 10.10
N ILE A 668 10.31 7.84 9.91
CA ILE A 668 9.14 8.25 9.12
C ILE A 668 9.56 8.48 7.68
N ASN A 669 8.57 8.52 6.79
CA ASN A 669 8.79 8.71 5.36
C ASN A 669 8.99 10.18 5.09
N HIS A 670 10.24 10.61 4.98
CA HIS A 670 10.53 12.03 4.81
C HIS A 670 10.42 12.47 3.37
N PHE A 671 10.22 11.54 2.44
CA PHE A 671 9.92 11.93 1.07
C PHE A 671 8.48 12.32 0.88
N GLU A 672 7.59 11.94 1.80
CA GLU A 672 6.20 12.35 1.64
C GLU A 672 6.03 13.82 1.98
N LYS A 673 6.69 14.30 3.03
CA LYS A 673 6.51 15.68 3.46
C LYS A 673 7.37 16.65 2.66
N PHE A 674 8.15 16.17 1.70
CA PHE A 674 8.81 16.97 0.69
C PHE A 674 7.90 17.24 -0.50
N ILE A 675 7.15 16.24 -0.94
CA ILE A 675 6.25 16.38 -2.08
C ILE A 675 5.07 17.26 -1.72
N ASN A 676 4.69 17.31 -0.44
CA ASN A 676 3.64 18.23 -0.01
C ASN A 676 4.09 19.67 -0.16
N GLN A 677 5.19 20.03 0.48
CA GLN A 677 5.61 21.43 0.59
C GLN A 677 5.97 22.08 -0.73
N VAL A 678 6.45 21.31 -1.72
CA VAL A 678 6.62 21.86 -3.06
C VAL A 678 5.28 22.22 -3.67
N PHE A 679 4.32 21.31 -3.60
CA PHE A 679 3.02 21.52 -4.22
C PHE A 679 2.15 22.48 -3.43
N ILE A 680 2.37 22.61 -2.13
CA ILE A 680 1.63 23.58 -1.32
C ILE A 680 2.11 24.99 -1.61
N LYS A 681 3.42 25.18 -1.69
CA LYS A 681 3.98 26.51 -1.94
C LYS A 681 3.74 26.94 -3.38
N GLY A 682 3.80 26.02 -4.33
CA GLY A 682 3.61 26.37 -5.72
C GLY A 682 2.18 26.71 -6.07
N PHE A 683 1.21 26.17 -5.33
CA PHE A 683 -0.17 26.58 -5.51
C PHE A 683 -0.46 27.92 -4.89
N ASN A 684 0.34 28.35 -3.92
CA ASN A 684 0.21 29.69 -3.40
C ASN A 684 0.84 30.71 -4.34
N SER A 685 1.98 30.37 -4.92
CA SER A 685 2.65 31.28 -5.84
C SER A 685 1.87 31.47 -7.12
N PHE A 686 1.14 30.46 -7.56
CA PHE A 686 0.22 30.62 -8.68
C PHE A 686 -0.87 31.61 -8.36
N ILE A 687 -1.51 31.43 -7.20
CA ILE A 687 -2.76 32.08 -6.90
C ILE A 687 -2.56 33.51 -6.44
N GLU A 688 -1.31 33.94 -6.23
CA GLU A 688 -0.99 35.32 -5.87
C GLU A 688 -0.27 36.09 -6.96
N LYS A 689 0.44 35.43 -7.86
CA LYS A 689 1.03 36.11 -9.01
C LYS A 689 -0.04 36.61 -9.95
N ASN A 690 -1.13 35.86 -10.07
CA ASN A 690 -2.31 36.35 -10.72
C ASN A 690 -3.16 37.07 -9.69
N ARG A 691 -4.28 37.63 -10.10
CA ARG A 691 -5.14 38.38 -9.20
C ARG A 691 -6.13 37.48 -8.47
N LEU A 692 -5.89 36.18 -8.44
CA LEU A 692 -6.87 35.20 -7.95
C LEU A 692 -6.82 35.08 -6.44
N THR A 693 -6.90 36.18 -5.70
CA THR A 693 -6.86 36.09 -4.26
C THR A 693 -8.14 36.55 -3.61
N TYR A 694 -9.16 36.86 -4.41
CA TYR A 694 -10.49 37.17 -3.91
C TYR A 694 -11.27 35.94 -3.49
N ILE A 695 -10.75 34.73 -3.73
CA ILE A 695 -11.50 33.52 -3.44
C ILE A 695 -11.61 33.33 -1.94
N CYS A 696 -10.67 33.88 -1.18
CA CYS A 696 -10.66 33.75 0.27
C CYS A 696 -11.74 34.58 0.98
N HIS A 697 -12.66 35.22 0.27
CA HIS A 697 -13.72 36.02 0.87
C HIS A 697 -14.98 35.85 0.02
N PRO A 698 -15.81 34.84 0.30
CA PRO A 698 -17.00 34.59 -0.55
C PRO A 698 -18.02 35.71 -0.59
N THR A 699 -18.63 36.09 0.54
CA THR A 699 -19.55 37.24 0.68
C THR A 699 -20.75 37.13 -0.27
N LYS A 700 -21.68 36.25 0.13
CA LYS A 700 -23.00 36.02 -0.49
C LYS A 700 -23.65 37.28 -1.06
N ASN A 701 -24.03 37.20 -2.32
CA ASN A 701 -24.52 38.38 -3.03
C ASN A 701 -26.06 38.40 -3.07
N THR A 702 -26.58 39.57 -3.45
CA THR A 702 -28.01 39.82 -3.41
C THR A 702 -28.67 39.84 -4.78
N VAL A 703 -27.97 40.29 -5.82
CA VAL A 703 -28.51 40.36 -7.17
C VAL A 703 -28.08 39.09 -7.91
N PRO A 704 -29.00 38.24 -8.33
CA PRO A 704 -28.61 37.10 -9.18
C PRO A 704 -28.22 37.57 -10.58
N GLU A 705 -26.91 37.61 -10.82
CA GLU A 705 -26.36 38.28 -11.99
C GLU A 705 -26.53 37.40 -13.22
N ASN A 706 -27.25 37.92 -14.22
CA ASN A 706 -27.49 37.20 -15.47
C ASN A 706 -26.50 37.68 -16.53
N ASP A 707 -25.22 37.40 -16.27
CA ASP A 707 -24.17 37.60 -17.25
C ASP A 707 -23.45 36.27 -17.44
N ASN A 708 -23.22 35.91 -18.69
CA ASN A 708 -22.69 34.60 -19.00
C ASN A 708 -21.19 34.54 -18.76
N ILE A 709 -20.71 33.35 -18.43
CA ILE A 709 -19.31 33.09 -18.16
C ILE A 709 -18.77 32.35 -19.37
N GLU A 710 -18.20 33.09 -20.31
CA GLU A 710 -17.69 32.50 -21.54
C GLU A 710 -16.29 31.97 -21.29
N ILE A 711 -16.08 30.68 -21.55
CA ILE A 711 -14.79 30.05 -21.25
C ILE A 711 -14.20 29.45 -22.52
N PRO A 712 -12.90 29.63 -22.77
CA PRO A 712 -12.29 29.08 -23.98
C PRO A 712 -11.69 27.70 -23.78
N PHE A 713 -11.76 26.87 -24.82
CA PHE A 713 -11.39 25.46 -24.73
C PHE A 713 -11.24 24.90 -26.13
N HIS A 714 -10.13 24.20 -26.40
CA HIS A 714 -9.94 23.59 -27.70
C HIS A 714 -9.12 22.32 -27.55
N THR A 715 -9.47 21.30 -28.35
CA THR A 715 -8.94 19.96 -28.18
C THR A 715 -8.75 19.31 -29.55
N ASP A 716 -7.64 18.58 -29.72
CA ASP A 716 -7.30 17.90 -30.96
C ASP A 716 -7.53 16.40 -30.87
N MET A 717 -8.61 15.94 -30.25
CA MET A 717 -8.88 14.51 -30.21
C MET A 717 -9.68 14.10 -31.45
N ASP A 718 -9.06 13.23 -32.26
CA ASP A 718 -9.68 12.69 -33.45
C ASP A 718 -10.48 11.44 -33.07
N ASP A 719 -11.17 10.85 -34.04
CA ASP A 719 -11.97 9.65 -33.79
C ASP A 719 -11.16 8.37 -33.95
N SER A 720 -9.98 8.32 -33.35
CA SER A 720 -9.31 7.06 -33.10
C SER A 720 -9.43 6.63 -31.66
N ASN A 721 -10.16 7.40 -30.85
CA ASN A 721 -10.38 7.12 -29.45
C ASN A 721 -11.81 6.71 -29.17
N ILE A 722 -12.54 6.24 -30.17
CA ILE A 722 -13.98 6.08 -30.06
C ILE A 722 -14.34 4.67 -29.65
N ALA A 723 -13.35 3.90 -29.22
CA ALA A 723 -13.57 2.62 -28.58
C ALA A 723 -13.10 2.60 -27.13
N PHE A 724 -11.99 3.25 -26.82
CA PHE A 724 -11.54 3.35 -25.44
C PHE A 724 -12.43 4.26 -24.62
N TRP A 725 -13.12 5.20 -25.25
CA TRP A 725 -14.13 5.99 -24.54
C TRP A 725 -15.32 5.13 -24.17
N LEU A 726 -15.66 4.15 -24.99
CA LEU A 726 -16.78 3.28 -24.66
C LEU A 726 -16.46 2.31 -23.54
N MET A 727 -15.18 2.16 -23.20
CA MET A 727 -14.84 1.38 -22.02
C MET A 727 -14.82 2.25 -20.78
N CYS A 728 -14.37 3.50 -20.89
CA CYS A 728 -14.34 4.39 -19.73
C CYS A 728 -15.72 4.87 -19.32
N LYS A 729 -16.74 4.68 -20.16
CA LYS A 729 -18.10 5.01 -19.77
C LYS A 729 -18.79 3.90 -19.03
N LEU A 730 -18.19 2.72 -18.92
CA LEU A 730 -18.76 1.63 -18.16
C LEU A 730 -18.10 1.44 -16.81
N LEU A 731 -17.09 2.23 -16.49
CA LEU A 731 -16.37 2.17 -15.23
C LEU A 731 -16.99 3.12 -14.23
N ASP A 732 -16.44 3.11 -13.03
CA ASP A 732 -16.91 3.90 -11.90
C ASP A 732 -16.19 5.24 -11.94
N ALA A 733 -16.22 5.96 -10.81
CA ALA A 733 -15.56 7.28 -10.70
C ALA A 733 -14.26 7.11 -9.92
N LYS A 734 -14.14 6.01 -9.18
CA LYS A 734 -12.93 5.69 -8.38
C LYS A 734 -12.07 4.73 -9.21
N GLN A 735 -12.72 3.93 -10.05
CA GLN A 735 -12.01 2.97 -10.94
C GLN A 735 -11.31 3.77 -12.04
N LEU A 736 -11.86 4.94 -12.39
CA LEU A 736 -11.26 5.81 -13.43
C LEU A 736 -10.07 6.59 -12.88
N SER A 737 -10.19 7.17 -11.68
CA SER A 737 -9.10 7.99 -11.11
C SER A 737 -7.83 7.17 -10.83
N GLU A 738 -7.99 5.94 -10.35
CA GLU A 738 -6.85 5.04 -10.04
C GLU A 738 -6.13 4.61 -11.32
N LEU A 739 -6.87 4.38 -12.39
CA LEU A 739 -6.31 3.95 -13.71
C LEU A 739 -5.38 5.05 -14.24
N ARG A 740 -5.78 6.31 -14.07
CA ARG A 740 -5.02 7.46 -14.54
C ARG A 740 -3.75 7.65 -13.74
N ASN A 741 -3.74 7.27 -12.47
CA ASN A 741 -2.54 7.40 -11.66
C ASN A 741 -1.51 6.34 -11.99
N GLU A 742 -1.94 5.14 -12.32
CA GLU A 742 -1.02 4.10 -12.72
C GLU A 742 -0.49 4.33 -14.12
N MET A 743 -1.25 5.03 -14.96
CA MET A 743 -0.83 5.30 -16.32
C MET A 743 0.26 6.35 -16.36
N ILE A 744 0.28 7.28 -15.41
CA ILE A 744 1.33 8.28 -15.42
C ILE A 744 2.63 7.74 -14.84
N LYS A 745 2.57 6.69 -14.01
CA LYS A 745 3.80 6.04 -13.56
C LYS A 745 4.45 5.25 -14.68
N PHE A 746 3.65 4.50 -15.44
CA PHE A 746 4.19 3.72 -16.53
C PHE A 746 4.62 4.58 -17.70
N SER A 747 4.05 5.77 -17.85
CA SER A 747 4.45 6.65 -18.94
C SER A 747 5.78 7.30 -18.70
N CYS A 748 6.19 7.47 -17.45
CA CYS A 748 7.41 8.17 -17.11
C CYS A 748 8.62 7.25 -17.02
N SER A 749 8.56 6.08 -17.65
CA SER A 749 9.70 5.20 -17.73
C SER A 749 9.95 4.72 -19.15
N LEU A 750 9.13 5.12 -20.11
CA LEU A 750 9.33 4.76 -21.49
C LEU A 750 10.30 5.72 -22.16
N GLN A 751 10.88 5.26 -23.27
CA GLN A 751 11.99 5.96 -23.89
C GLN A 751 11.63 6.57 -25.23
N SER A 752 10.71 5.98 -25.97
CA SER A 752 10.39 6.44 -27.32
C SER A 752 9.68 7.78 -27.28
N THR A 753 9.90 8.58 -28.33
CA THR A 753 9.20 9.86 -28.44
C THR A 753 7.76 9.70 -28.88
N GLU A 754 7.48 8.67 -29.69
CA GLU A 754 6.12 8.18 -29.83
C GLU A 754 5.89 7.18 -28.71
N GLU A 755 4.68 6.62 -28.65
CA GLU A 755 4.18 5.63 -27.68
C GLU A 755 4.00 6.26 -26.30
N ILE A 756 4.51 7.46 -26.08
CA ILE A 756 4.12 8.31 -24.96
C ILE A 756 2.98 9.20 -25.40
N SER A 757 3.00 9.65 -26.66
CA SER A 757 1.84 10.33 -27.22
C SER A 757 0.67 9.39 -27.42
N THR A 758 0.89 8.08 -27.37
CA THR A 758 -0.22 7.14 -27.27
C THR A 758 -0.88 7.23 -25.91
N PHE A 759 -0.07 7.31 -24.84
CA PHE A 759 -0.64 7.31 -23.49
C PHE A 759 -1.22 8.68 -23.14
N THR A 760 -0.60 9.77 -23.57
CA THR A 760 -1.16 11.07 -23.20
C THR A 760 -2.40 11.43 -24.00
N LYS A 761 -2.80 10.61 -24.97
CA LYS A 761 -4.00 10.82 -25.74
C LYS A 761 -5.15 9.98 -25.20
N ALA A 762 -4.82 8.87 -24.52
CA ALA A 762 -5.78 8.06 -23.78
C ALA A 762 -5.97 8.53 -22.35
N ARG A 763 -5.01 9.26 -21.80
CA ARG A 763 -5.12 9.84 -20.48
C ARG A 763 -5.98 11.09 -20.49
N GLU A 764 -6.36 11.55 -21.69
CA GLU A 764 -7.28 12.66 -21.86
C GLU A 764 -8.70 12.17 -22.11
N VAL A 765 -8.82 10.94 -22.61
CA VAL A 765 -10.16 10.31 -22.81
C VAL A 765 -10.77 10.11 -21.42
N ILE A 766 -9.94 9.71 -20.46
CA ILE A 766 -10.38 9.45 -19.04
C ILE A 766 -10.92 10.75 -18.44
N GLY A 767 -10.25 11.87 -18.71
CA GLY A 767 -10.69 13.18 -18.17
C GLY A 767 -12.06 13.55 -18.70
N LEU A 768 -12.32 13.30 -19.99
CA LEU A 768 -13.63 13.62 -20.63
C LEU A 768 -14.72 12.80 -19.94
N ALA A 769 -14.44 11.53 -19.65
CA ALA A 769 -15.39 10.60 -18.99
C ALA A 769 -15.75 11.09 -17.59
N LEU A 770 -14.79 11.64 -16.86
CA LEU A 770 -14.99 12.11 -15.46
C LEU A 770 -16.01 13.26 -15.35
N LEU A 771 -16.02 14.22 -16.30
CA LEU A 771 -16.94 15.35 -16.17
C LEU A 771 -18.37 14.87 -15.93
N ASN A 772 -18.77 13.76 -16.55
CA ASN A 772 -20.15 13.33 -16.45
C ASN A 772 -20.38 12.57 -15.15
N GLY A 773 -19.82 11.37 -15.05
CA GLY A 773 -19.68 10.67 -13.79
C GLY A 773 -20.96 10.18 -13.15
N GLU A 774 -21.74 11.13 -12.62
CA GLU A 774 -22.92 10.81 -11.82
C GLU A 774 -24.07 11.73 -12.20
N LYS A 775 -24.35 11.84 -13.50
CA LYS A 775 -25.51 12.60 -13.95
C LYS A 775 -26.81 11.96 -13.46
N GLY A 776 -27.04 10.71 -13.86
CA GLY A 776 -28.22 10.00 -13.45
C GLY A 776 -29.47 10.56 -14.10
N CYS A 777 -30.56 10.50 -13.35
CA CYS A 777 -31.84 10.98 -13.85
C CYS A 777 -32.17 12.33 -13.25
N ASN A 778 -33.10 13.02 -13.88
CA ASN A 778 -33.58 14.33 -13.44
C ASN A 778 -35.09 14.40 -13.29
N ASP A 779 -35.82 13.82 -14.25
CA ASP A 779 -37.26 13.71 -14.11
C ASP A 779 -37.63 12.57 -13.18
N TRP A 780 -38.93 12.42 -12.91
CA TRP A 780 -39.37 11.38 -12.00
C TRP A 780 -39.81 10.12 -12.74
N LYS A 781 -40.68 10.25 -13.73
CA LYS A 781 -41.33 9.10 -14.33
C LYS A 781 -40.55 8.49 -15.49
N GLU A 782 -39.24 8.68 -15.52
CA GLU A 782 -38.36 7.98 -16.43
C GLU A 782 -37.78 6.73 -15.81
N LEU A 783 -37.70 6.67 -14.47
CA LEU A 783 -37.25 5.49 -13.76
C LEU A 783 -38.39 4.59 -13.29
N PHE A 784 -39.59 5.14 -13.10
CA PHE A 784 -40.76 4.38 -12.70
C PHE A 784 -41.91 4.76 -13.61
N ASP A 785 -42.94 3.93 -13.61
CA ASP A 785 -44.10 4.17 -14.47
C ASP A 785 -45.28 4.79 -13.73
N ASP A 786 -45.60 4.31 -12.54
CA ASP A 786 -46.66 4.86 -11.71
C ASP A 786 -46.11 5.24 -10.34
N LYS A 787 -46.96 5.86 -9.53
CA LYS A 787 -46.59 6.11 -8.14
C LYS A 787 -46.55 4.82 -7.34
N GLU A 788 -47.30 3.81 -7.76
CA GLU A 788 -47.41 2.58 -6.98
C GLU A 788 -46.19 1.70 -7.16
N ALA A 789 -45.43 1.90 -8.24
CA ALA A 789 -44.18 1.17 -8.39
C ALA A 789 -43.04 1.89 -7.69
N TRP A 790 -43.10 3.22 -7.62
CA TRP A 790 -42.18 3.98 -6.81
C TRP A 790 -42.38 3.68 -5.34
N LYS A 791 -43.63 3.58 -4.90
CA LYS A 791 -43.94 3.41 -3.50
C LYS A 791 -43.72 1.97 -3.06
N LYS A 792 -43.74 1.03 -3.99
CA LYS A 792 -43.41 -0.35 -3.66
C LYS A 792 -41.91 -0.51 -3.42
N ASN A 793 -41.10 0.15 -4.25
CA ASN A 793 -39.66 0.00 -4.16
C ASN A 793 -39.09 0.77 -2.98
N MET A 794 -39.56 2.01 -2.78
CA MET A 794 -39.00 2.86 -1.75
C MET A 794 -39.43 2.41 -0.35
N SER A 795 -40.46 1.59 -0.25
CA SER A 795 -40.87 1.02 1.03
C SER A 795 -40.05 -0.19 1.43
N LEU A 796 -38.93 -0.45 0.78
CA LEU A 796 -38.01 -1.46 1.24
C LEU A 796 -36.93 -0.88 2.13
N TYR A 797 -36.95 0.44 2.32
CA TYR A 797 -35.88 1.10 3.05
C TYR A 797 -36.42 2.00 4.13
N VAL A 798 -37.66 2.46 3.99
CA VAL A 798 -38.30 3.26 5.03
C VAL A 798 -39.60 2.62 5.50
N SER A 799 -40.41 2.12 4.55
CA SER A 799 -41.52 1.19 4.79
C SER A 799 -42.59 1.76 5.71
N GLU A 800 -43.03 2.98 5.44
CA GLU A 800 -44.01 3.54 6.37
C GLU A 800 -45.14 4.27 5.68
N GLU A 801 -45.91 5.01 6.47
CA GLU A 801 -46.77 6.09 6.01
C GLU A 801 -46.02 7.41 5.99
N LEU A 802 -44.70 7.36 6.15
CA LEU A 802 -43.78 8.49 6.16
C LEU A 802 -43.38 8.93 4.77
N LEU A 803 -43.85 8.24 3.73
CA LEU A 803 -43.39 8.53 2.38
C LEU A 803 -44.08 9.74 1.78
N GLN A 804 -45.18 10.18 2.39
CA GLN A 804 -45.88 11.40 1.97
C GLN A 804 -45.44 12.61 2.77
N SER A 805 -44.13 12.81 2.88
CA SER A 805 -43.61 13.85 3.77
C SER A 805 -42.62 14.77 3.07
N LEU A 806 -41.95 15.60 3.87
CA LEU A 806 -41.04 16.60 3.31
C LEU A 806 -39.77 16.00 2.68
N PRO A 807 -38.97 15.14 3.35
CA PRO A 807 -37.73 14.69 2.69
C PRO A 807 -37.95 13.73 1.54
N TYR A 808 -39.16 13.21 1.37
CA TYR A 808 -39.45 12.16 0.42
C TYR A 808 -40.42 12.57 -0.68
N THR A 809 -41.08 13.73 -0.57
CA THR A 809 -41.84 14.33 -1.67
C THR A 809 -41.29 15.73 -1.97
N GLN A 810 -41.67 16.25 -3.14
CA GLN A 810 -40.98 17.39 -3.75
C GLN A 810 -41.09 18.69 -2.94
N GLU A 811 -42.26 19.34 -2.95
CA GLU A 811 -42.57 20.36 -1.95
C GLU A 811 -43.97 20.27 -1.37
N ASP A 812 -44.95 19.78 -2.13
CA ASP A 812 -46.36 19.77 -1.75
C ASP A 812 -47.06 18.66 -2.50
N GLY A 813 -48.25 18.30 -2.00
CA GLY A 813 -49.06 17.32 -2.70
C GLY A 813 -48.48 15.93 -2.57
N GLN A 814 -48.39 15.23 -3.69
CA GLN A 814 -47.93 13.85 -3.72
C GLN A 814 -46.91 13.65 -4.83
N THR A 815 -46.21 14.70 -5.23
CA THR A 815 -45.22 14.57 -6.29
C THR A 815 -43.86 14.18 -5.69
N PRO A 816 -43.25 13.09 -6.15
CA PRO A 816 -42.14 12.50 -5.42
C PRO A 816 -40.81 13.20 -5.66
N VAL A 817 -39.77 12.60 -5.12
CA VAL A 817 -38.39 12.96 -5.40
C VAL A 817 -37.60 11.66 -5.51
N ILE A 818 -36.64 11.65 -6.44
CA ILE A 818 -35.80 10.47 -6.63
C ILE A 818 -34.53 10.63 -5.81
N ASN A 819 -34.03 9.51 -5.30
CA ASN A 819 -32.94 9.49 -4.35
C ASN A 819 -31.65 9.12 -5.07
N ARG A 820 -30.60 9.90 -4.81
CA ARG A 820 -29.38 9.76 -5.59
C ARG A 820 -28.56 8.54 -5.22
N SER A 821 -28.73 8.02 -4.01
CA SER A 821 -28.03 6.81 -3.62
C SER A 821 -28.83 5.57 -3.94
N ILE A 822 -30.07 5.70 -4.40
CA ILE A 822 -30.88 4.54 -4.67
C ILE A 822 -30.91 4.17 -6.15
N ASP A 823 -30.83 5.21 -7.00
CA ASP A 823 -30.72 5.01 -8.47
C ASP A 823 -29.30 4.51 -8.77
N LEU A 824 -28.32 4.98 -8.00
CA LEU A 824 -26.88 4.65 -8.16
C LEU A 824 -26.71 3.14 -7.95
N VAL A 825 -27.41 2.57 -6.96
CA VAL A 825 -27.35 1.11 -6.69
C VAL A 825 -27.91 0.37 -7.92
N LYS A 826 -28.99 0.89 -8.50
CA LYS A 826 -29.68 0.32 -9.69
C LYS A 826 -28.80 0.37 -10.95
N LYS A 827 -27.96 1.40 -11.09
CA LYS A 827 -27.08 1.50 -12.27
C LYS A 827 -26.17 0.27 -12.27
N TYR A 828 -25.67 -0.10 -11.09
CA TYR A 828 -24.80 -1.30 -10.90
C TYR A 828 -25.68 -2.51 -10.55
N GLY A 829 -25.09 -3.70 -10.43
CA GLY A 829 -25.84 -4.95 -10.18
C GLY A 829 -25.94 -5.30 -8.70
N THR A 830 -25.54 -4.39 -7.81
CA THR A 830 -25.54 -4.66 -6.34
C THR A 830 -26.92 -4.39 -5.70
N GLU A 831 -27.90 -3.97 -6.49
CA GLU A 831 -29.27 -3.64 -5.98
C GLU A 831 -29.95 -4.86 -5.35
N THR A 832 -29.84 -6.04 -5.96
CA THR A 832 -30.53 -7.25 -5.44
C THR A 832 -30.00 -7.63 -4.05
N ILE A 833 -28.69 -7.55 -3.86
CA ILE A 833 -27.99 -7.88 -2.62
C ILE A 833 -28.48 -6.99 -1.49
N LEU A 834 -28.61 -5.70 -1.73
CA LEU A 834 -29.01 -4.80 -0.66
C LEU A 834 -30.50 -4.90 -0.33
N GLU A 835 -31.30 -5.45 -1.24
CA GLU A 835 -32.67 -5.76 -0.89
C GLU A 835 -32.78 -7.02 -0.07
N LYS A 836 -31.74 -7.86 -0.07
CA LYS A 836 -31.74 -9.00 0.83
C LYS A 836 -31.23 -8.59 2.20
N LEU A 837 -30.40 -7.56 2.28
CA LEU A 837 -29.83 -7.17 3.57
C LEU A 837 -30.84 -6.44 4.44
N PHE A 838 -31.45 -5.38 3.91
CA PHE A 838 -32.42 -4.60 4.68
C PHE A 838 -33.71 -5.35 4.97
N SER A 839 -34.01 -6.42 4.25
CA SER A 839 -35.22 -7.19 4.49
C SER A 839 -35.03 -8.33 5.47
N SER A 840 -33.82 -8.50 6.02
CA SER A 840 -33.61 -9.52 7.04
C SER A 840 -34.27 -9.13 8.35
N SER A 841 -33.89 -7.98 8.91
CA SER A 841 -34.53 -7.44 10.09
C SER A 841 -35.48 -6.33 9.66
N ASP A 842 -36.05 -5.66 10.66
CA ASP A 842 -36.90 -4.51 10.44
C ASP A 842 -36.48 -3.31 11.26
N ASP A 843 -35.43 -3.44 12.07
CA ASP A 843 -34.82 -2.29 12.73
C ASP A 843 -33.88 -1.55 11.82
N TYR A 844 -33.62 -2.07 10.61
CA TYR A 844 -32.70 -1.44 9.69
C TYR A 844 -33.32 -0.26 8.97
N LYS A 845 -34.64 -0.27 8.81
CA LYS A 845 -35.32 0.75 8.02
C LYS A 845 -35.47 2.03 8.82
N VAL A 846 -35.90 3.09 8.13
CA VAL A 846 -36.02 4.40 8.74
C VAL A 846 -37.23 4.41 9.67
N SER A 847 -37.01 4.82 10.92
CA SER A 847 -38.04 4.79 11.94
C SER A 847 -38.76 6.14 12.00
N ALA A 848 -39.83 6.19 12.79
CA ALA A 848 -40.48 7.46 13.05
C ALA A 848 -39.74 8.27 14.10
N LYS A 849 -38.94 7.62 14.95
CA LYS A 849 -38.14 8.35 15.93
C LYS A 849 -36.87 8.93 15.34
N ASP A 850 -36.45 8.45 14.17
CA ASP A 850 -35.21 8.94 13.58
C ASP A 850 -35.42 10.30 12.94
N ILE A 851 -36.58 10.50 12.31
CA ILE A 851 -36.95 11.83 11.84
C ILE A 851 -37.27 12.73 13.04
N ALA A 852 -37.79 12.14 14.12
CA ALA A 852 -38.08 12.90 15.32
C ALA A 852 -36.83 13.38 16.04
N LYS A 853 -35.69 12.72 15.85
CA LYS A 853 -34.47 13.14 16.51
C LYS A 853 -33.83 14.34 15.82
N LEU A 854 -34.19 14.60 14.56
CA LEU A 854 -33.61 15.70 13.81
C LEU A 854 -34.24 17.06 14.11
N HIS A 855 -35.07 17.09 15.17
CA HIS A 855 -35.76 18.32 15.62
C HIS A 855 -35.50 18.51 17.12
N GLU A 856 -35.00 17.46 17.79
CA GLU A 856 -34.69 17.52 19.24
C GLU A 856 -33.89 18.79 19.54
N TYR A 857 -32.94 19.12 18.66
CA TYR A 857 -32.08 20.32 18.84
C TYR A 857 -31.32 20.58 17.54
N ASP A 858 -30.42 21.57 17.55
CA ASP A 858 -29.60 21.90 16.35
C ASP A 858 -28.18 21.39 16.59
N VAL A 859 -27.46 21.06 15.51
CA VAL A 859 -26.06 20.54 15.64
C VAL A 859 -25.06 21.69 15.50
N THR A 860 -25.48 22.81 14.91
CA THR A 860 -24.57 23.96 14.69
C THR A 860 -24.19 24.60 16.03
N GLU A 861 -25.10 24.56 17.01
CA GLU A 861 -24.83 25.18 18.34
C GLU A 861 -24.05 24.19 19.23
N LYS A 862 -23.95 22.93 18.80
CA LYS A 862 -23.20 21.90 19.56
C LYS A 862 -21.77 21.82 19.01
N ILE A 863 -21.63 21.79 17.69
CA ILE A 863 -20.29 21.73 17.04
C ILE A 863 -19.47 22.93 17.51
N ALA A 864 -20.08 24.11 17.52
CA ALA A 864 -19.41 25.36 17.96
C ALA A 864 -18.89 25.17 19.38
N GLN A 865 -19.68 24.52 20.23
CA GLN A 865 -19.31 24.26 21.66
C GLN A 865 -18.07 23.37 21.70
N GLN A 866 -18.00 22.36 20.82
CA GLN A 866 -16.88 21.44 20.84
C GLN A 866 -15.58 22.14 20.46
N GLU A 867 -15.64 23.05 19.50
CA GLU A 867 -14.43 23.75 19.08
C GLU A 867 -13.94 24.71 20.15
N SER A 868 -14.87 25.29 20.90
CA SER A 868 -14.49 26.20 21.97
C SER A 868 -13.88 25.45 23.14
N LEU A 869 -14.47 24.31 23.52
CA LEU A 869 -13.93 23.54 24.63
C LEU A 869 -12.59 22.89 24.29
N HIS A 870 -12.34 22.63 23.01
CA HIS A 870 -11.07 22.01 22.65
C HIS A 870 -9.94 23.03 22.67
N LYS A 871 -10.23 24.26 22.23
CA LYS A 871 -9.20 25.30 22.20
C LYS A 871 -8.73 25.69 23.59
N GLN A 872 -9.61 25.60 24.59
CA GLN A 872 -9.23 25.89 25.96
C GLN A 872 -8.27 24.85 26.52
N TRP A 873 -8.33 23.62 26.01
CA TRP A 873 -7.45 22.55 26.46
C TRP A 873 -6.01 22.77 26.04
N ILE A 874 -5.78 23.53 24.97
CA ILE A 874 -4.42 23.83 24.56
C ILE A 874 -3.74 24.75 25.59
N GLU A 875 -4.44 25.78 26.07
CA GLU A 875 -3.87 26.59 27.13
C GLU A 875 -3.88 25.90 28.49
N LYS A 876 -4.90 25.12 28.83
CA LYS A 876 -4.96 24.41 30.10
C LYS A 876 -5.01 22.90 29.83
N PRO A 877 -3.87 22.23 29.76
CA PRO A 877 -3.88 20.76 29.70
C PRO A 877 -4.33 20.11 30.99
N GLY A 878 -4.30 20.83 32.11
CA GLY A 878 -4.67 20.29 33.41
C GLY A 878 -6.15 20.01 33.57
N LEU A 879 -6.97 20.43 32.63
CA LEU A 879 -8.39 20.10 32.64
C LEU A 879 -8.66 18.69 32.16
N ALA A 880 -7.64 17.94 31.75
CA ALA A 880 -7.83 16.55 31.37
C ALA A 880 -8.08 15.66 32.57
N ARG A 881 -7.61 16.06 33.74
CA ARG A 881 -7.82 15.31 34.97
C ARG A 881 -8.94 15.89 35.82
N ASP A 882 -9.57 16.97 35.36
CA ASP A 882 -10.74 17.54 36.02
C ASP A 882 -11.91 16.62 35.72
N SER A 883 -12.33 15.84 36.72
CA SER A 883 -13.31 14.78 36.49
C SER A 883 -14.71 15.29 36.20
N ALA A 884 -15.01 16.54 36.55
CA ALA A 884 -16.31 17.10 36.19
C ALA A 884 -16.31 17.69 34.80
N TRP A 885 -15.18 18.23 34.34
CA TRP A 885 -15.05 18.85 33.02
C TRP A 885 -15.05 17.84 31.89
N THR A 886 -14.39 16.69 32.11
CA THR A 886 -14.24 15.69 31.06
C THR A 886 -15.52 14.93 30.77
N LYS A 887 -16.50 14.97 31.66
CA LYS A 887 -17.78 14.35 31.39
C LYS A 887 -18.69 15.27 30.59
N LYS A 888 -18.56 16.58 30.78
CA LYS A 888 -19.31 17.52 29.97
C LYS A 888 -18.82 17.51 28.53
N TYR A 889 -17.51 17.39 28.34
CA TYR A 889 -16.96 17.28 26.99
C TYR A 889 -17.34 15.95 26.33
N GLN A 890 -17.53 14.90 27.13
CA GLN A 890 -17.95 13.61 26.58
C GLN A 890 -19.39 13.67 26.08
N ASN A 891 -20.25 14.43 26.74
CA ASN A 891 -21.64 14.49 26.34
C ASN A 891 -21.85 15.36 25.11
N VAL A 892 -20.94 16.28 24.86
CA VAL A 892 -21.04 17.11 23.67
C VAL A 892 -20.67 16.31 22.43
N ILE A 893 -19.65 15.46 22.54
CA ILE A 893 -19.24 14.60 21.43
C ILE A 893 -20.34 13.62 21.07
N ASN A 894 -20.94 12.98 22.07
CA ASN A 894 -21.96 11.96 21.81
C ASN A 894 -23.26 12.55 21.29
N ASP A 895 -23.46 13.86 21.44
CA ASP A 895 -24.59 14.49 20.78
C ASP A 895 -24.31 14.73 19.30
N ILE A 896 -23.07 15.07 18.96
CA ILE A 896 -22.70 15.26 17.56
C ILE A 896 -22.67 13.92 16.85
N SER A 897 -22.24 12.87 17.55
CA SER A 897 -22.17 11.54 16.96
C SER A 897 -23.54 10.98 16.66
N ASN A 898 -24.49 11.09 17.59
CA ASN A 898 -25.81 10.49 17.41
C ASN A 898 -26.64 11.24 16.39
N TYR A 899 -26.39 12.53 16.24
CA TYR A 899 -27.11 13.33 15.27
C TYR A 899 -26.67 13.02 13.84
N GLN A 900 -25.38 12.73 13.66
CA GLN A 900 -24.86 12.50 12.32
C GLN A 900 -25.17 11.10 11.81
N TRP A 901 -25.45 10.15 12.71
CA TRP A 901 -25.92 8.86 12.22
C TRP A 901 -27.38 8.91 11.81
N ALA A 902 -28.19 9.71 12.50
CA ALA A 902 -29.60 9.81 12.15
C ALA A 902 -29.79 10.60 10.86
N LYS A 903 -28.94 11.59 10.62
CA LYS A 903 -29.07 12.37 9.36
C LYS A 903 -28.77 11.47 8.16
N THR A 904 -27.71 10.66 8.25
CA THR A 904 -27.30 9.74 7.16
C THR A 904 -28.39 8.68 6.90
N LYS A 905 -28.97 8.13 7.98
CA LYS A 905 -30.01 7.07 7.86
C LYS A 905 -31.25 7.62 7.15
N VAL A 906 -31.65 8.85 7.45
CA VAL A 906 -32.88 9.47 6.88
C VAL A 906 -32.75 9.64 5.36
N GLU A 907 -31.57 10.05 4.88
CA GLU A 907 -31.38 10.30 3.42
C GLU A 907 -30.86 9.04 2.71
N LEU A 908 -30.75 7.94 3.46
CA LEU A 908 -30.28 6.62 2.93
C LEU A 908 -28.88 6.73 2.33
N THR A 909 -28.00 7.53 2.95
CA THR A 909 -26.59 7.70 2.51
C THR A 909 -25.86 6.37 2.71
N GLN A 910 -26.19 5.65 3.77
CA GLN A 910 -25.50 4.38 4.13
C GLN A 910 -25.60 3.38 2.97
N VAL A 911 -26.73 3.32 2.26
CA VAL A 911 -26.79 2.37 1.16
C VAL A 911 -25.65 2.62 0.20
N ARG A 912 -25.28 3.89 0.04
CA ARG A 912 -24.13 4.22 -0.85
C ARG A 912 -22.85 3.64 -0.23
N HIS A 913 -22.70 3.76 1.09
CA HIS A 913 -21.50 3.25 1.80
C HIS A 913 -21.41 1.73 1.69
N LEU A 914 -22.54 1.03 1.82
CA LEU A 914 -22.57 -0.46 1.73
C LEU A 914 -22.17 -0.89 0.30
N HIS A 915 -22.66 -0.17 -0.71
CA HIS A 915 -22.34 -0.50 -2.12
C HIS A 915 -20.84 -0.35 -2.38
N GLN A 916 -20.23 0.74 -1.90
CA GLN A 916 -18.78 0.98 -2.11
C GLN A 916 -17.95 -0.08 -1.39
N LEU A 917 -18.35 -0.43 -0.16
CA LEU A 917 -17.62 -1.42 0.66
C LEU A 917 -17.64 -2.80 -0.03
N THR A 918 -18.78 -3.21 -0.58
CA THR A 918 -18.89 -4.53 -1.24
C THR A 918 -18.00 -4.61 -2.49
N ILE A 919 -17.91 -3.54 -3.27
CA ILE A 919 -17.09 -3.50 -4.51
C ILE A 919 -15.61 -3.68 -4.17
N ASP A 920 -15.12 -3.04 -3.10
CA ASP A 920 -13.72 -3.13 -2.70
C ASP A 920 -13.30 -4.54 -2.32
N LEU A 921 -14.17 -5.29 -1.65
CA LEU A 921 -13.85 -6.65 -1.26
C LEU A 921 -13.82 -7.59 -2.45
N LEU A 922 -14.78 -7.47 -3.37
CA LEU A 922 -14.85 -8.38 -4.50
C LEU A 922 -13.84 -8.06 -5.59
N SER A 923 -13.36 -6.81 -5.66
CA SER A 923 -12.31 -6.46 -6.63
C SER A 923 -10.92 -6.75 -6.10
N ARG A 924 -10.75 -6.90 -4.80
CA ARG A 924 -9.47 -7.37 -4.28
C ARG A 924 -9.32 -8.86 -4.52
N LEU A 925 -10.43 -9.59 -4.42
CA LEU A 925 -10.43 -11.03 -4.68
C LEU A 925 -10.24 -11.35 -6.16
N ALA A 926 -10.68 -10.47 -7.05
CA ALA A 926 -10.36 -10.62 -8.46
C ALA A 926 -8.93 -10.26 -8.77
N GLY A 927 -8.21 -9.65 -7.81
CA GLY A 927 -6.82 -9.32 -8.01
C GLY A 927 -5.85 -10.39 -7.54
N TYR A 928 -6.32 -11.34 -6.74
CA TYR A 928 -5.51 -12.52 -6.45
C TYR A 928 -5.71 -13.59 -7.49
N MET A 929 -6.89 -13.65 -8.11
CA MET A 929 -7.15 -14.66 -9.12
C MET A 929 -6.46 -14.35 -10.45
N SER A 930 -5.85 -13.18 -10.57
CA SER A 930 -5.06 -12.84 -11.74
C SER A 930 -3.58 -13.11 -11.57
N ILE A 931 -3.06 -13.12 -10.35
CA ILE A 931 -1.70 -13.61 -10.14
C ILE A 931 -1.67 -15.12 -10.28
N ALA A 932 -2.69 -15.78 -9.73
CA ALA A 932 -2.79 -17.26 -9.78
C ALA A 932 -2.87 -17.71 -11.25
N ASP A 933 -3.57 -16.95 -12.09
CA ASP A 933 -3.71 -17.28 -13.53
C ASP A 933 -2.37 -17.07 -14.22
N ARG A 934 -1.59 -16.08 -13.77
CA ARG A 934 -0.27 -15.77 -14.38
C ARG A 934 0.75 -16.83 -13.95
N ASP A 935 0.54 -17.44 -12.78
CA ASP A 935 1.46 -18.49 -12.27
C ASP A 935 1.10 -19.82 -12.93
N PHE A 936 -0.17 -20.00 -13.30
CA PHE A 936 -0.63 -21.25 -13.94
C PHE A 936 0.03 -21.41 -15.32
N GLN A 937 0.19 -20.29 -16.04
CA GLN A 937 0.72 -20.33 -17.43
C GLN A 937 2.24 -20.16 -17.40
N PHE A 938 2.81 -19.98 -16.20
CA PHE A 938 4.28 -19.83 -16.04
C PHE A 938 4.88 -21.21 -15.80
N SER A 939 4.11 -22.09 -15.17
CA SER A 939 4.58 -23.47 -14.86
C SER A 939 4.11 -24.44 -15.95
N SER A 940 3.12 -24.05 -16.76
CA SER A 940 2.64 -24.94 -17.80
C SER A 940 3.49 -24.82 -19.06
N ASN A 941 3.81 -23.61 -19.49
CA ASN A 941 4.64 -23.42 -20.68
C ASN A 941 6.09 -23.85 -20.47
N TYR A 942 6.49 -24.11 -19.23
CA TYR A 942 7.78 -24.72 -18.93
C TYR A 942 7.77 -26.22 -19.14
N ILE A 943 6.64 -26.88 -18.90
CA ILE A 943 6.55 -28.32 -19.12
C ILE A 943 6.34 -28.63 -20.59
N LEU A 944 5.51 -27.83 -21.27
CA LEU A 944 5.34 -27.97 -22.73
C LEU A 944 6.59 -27.60 -23.51
N GLU A 945 7.53 -26.88 -22.92
CA GLU A 945 8.82 -26.69 -23.56
C GLU A 945 9.74 -27.86 -23.28
N ARG A 946 9.48 -28.62 -22.23
CA ARG A 946 10.23 -29.84 -21.94
C ARG A 946 9.51 -31.05 -22.51
N LEU A 998 0.80 -32.68 -20.61
CA LEU A 998 0.91 -31.47 -19.78
C LEU A 998 0.15 -31.65 -18.47
N ARG A 999 -1.04 -32.25 -18.52
CA ARG A 999 -1.88 -32.30 -17.33
C ARG A 999 -1.42 -33.40 -16.37
N LEU A 1000 -0.95 -34.54 -16.91
CA LEU A 1000 -0.51 -35.65 -16.07
C LEU A 1000 0.73 -35.31 -15.25
N THR A 1001 1.54 -34.37 -15.71
CA THR A 1001 2.60 -33.85 -14.87
C THR A 1001 2.04 -32.89 -13.83
N LEU A 1002 1.13 -31.99 -14.23
CA LEU A 1002 0.60 -30.99 -13.30
C LEU A 1002 -0.29 -31.59 -12.21
N GLU A 1003 -1.05 -32.65 -12.53
CA GLU A 1003 -1.74 -33.35 -11.45
C GLU A 1003 -0.86 -34.34 -10.70
N TYR A 1004 0.44 -34.41 -11.03
CA TYR A 1004 1.39 -35.04 -10.12
C TYR A 1004 2.09 -34.02 -9.24
N LEU A 1005 2.25 -32.78 -9.72
CA LEU A 1005 2.71 -31.66 -8.90
C LEU A 1005 1.63 -31.09 -7.99
N GLU A 1006 0.40 -31.61 -8.07
CA GLU A 1006 -0.77 -31.18 -7.28
C GLU A 1006 -1.10 -29.70 -7.50
N LEU A 1007 -0.86 -29.21 -8.70
CA LEU A 1007 -1.16 -27.83 -9.07
C LEU A 1007 -2.58 -27.77 -9.61
N PHE A 1008 -2.87 -26.71 -10.38
CA PHE A 1008 -4.21 -26.29 -10.78
C PHE A 1008 -5.06 -27.40 -11.37
N ASP A 1009 -6.12 -27.73 -10.67
CA ASP A 1009 -7.08 -28.74 -11.05
C ASP A 1009 -8.20 -28.10 -11.85
N ASN A 1010 -9.27 -28.85 -12.08
CA ASN A 1010 -10.51 -28.29 -12.57
C ASN A 1010 -11.53 -28.13 -11.46
N ARG A 1011 -11.18 -28.50 -10.23
CA ARG A 1011 -11.98 -28.14 -9.07
C ARG A 1011 -11.62 -26.77 -8.52
N LEU A 1012 -10.39 -26.32 -8.76
CA LEU A 1012 -9.97 -24.99 -8.35
C LEU A 1012 -10.16 -23.97 -9.45
N LYS A 1013 -10.29 -24.43 -10.69
CA LYS A 1013 -10.59 -23.51 -11.77
C LYS A 1013 -12.03 -23.03 -11.68
N GLU A 1014 -12.91 -23.80 -11.04
CA GLU A 1014 -14.26 -23.33 -10.79
C GLU A 1014 -14.27 -22.22 -9.74
N LYS A 1015 -13.47 -22.39 -8.68
CA LYS A 1015 -13.39 -21.34 -7.66
C LYS A 1015 -12.67 -20.10 -8.18
N ARG A 1016 -11.67 -20.28 -9.03
CA ARG A 1016 -10.99 -19.13 -9.57
C ARG A 1016 -11.79 -18.40 -10.63
N ASN A 1017 -12.84 -19.01 -11.17
CA ASN A 1017 -13.56 -18.40 -12.28
C ASN A 1017 -14.69 -17.52 -11.79
N ASN A 1018 -15.46 -17.98 -10.79
CA ASN A 1018 -16.57 -17.16 -10.32
C ASN A 1018 -16.12 -15.99 -9.48
N ILE A 1019 -14.95 -16.08 -8.84
CA ILE A 1019 -14.40 -14.92 -8.16
C ILE A 1019 -14.01 -13.86 -9.16
N SER A 1020 -13.40 -14.27 -10.27
CA SER A 1020 -13.00 -13.30 -11.28
C SER A 1020 -14.15 -12.77 -12.12
N HIS A 1021 -15.22 -13.55 -12.31
CA HIS A 1021 -16.32 -13.15 -13.16
C HIS A 1021 -17.42 -12.44 -12.40
N PHE A 1022 -17.17 -12.04 -11.14
CA PHE A 1022 -18.09 -11.26 -10.30
C PHE A 1022 -19.43 -11.94 -10.11
N ASN A 1023 -19.41 -13.27 -9.98
CA ASN A 1023 -20.65 -14.04 -9.91
C ASN A 1023 -21.34 -13.97 -8.56
N TYR A 1024 -20.86 -13.15 -7.64
CA TYR A 1024 -21.57 -12.93 -6.38
C TYR A 1024 -22.82 -12.07 -6.57
N LEU A 1025 -22.87 -11.27 -7.62
CA LEU A 1025 -23.89 -10.24 -7.75
C LEU A 1025 -25.11 -10.67 -8.54
N ASN A 1026 -25.20 -11.94 -8.96
CA ASN A 1026 -26.35 -12.32 -9.77
C ASN A 1026 -27.49 -12.85 -8.92
N GLY A 1027 -27.84 -12.13 -7.87
CA GLY A 1027 -29.02 -12.49 -7.11
C GLY A 1027 -28.76 -13.57 -6.08
N GLN A 1028 -29.04 -14.81 -6.48
CA GLN A 1028 -29.03 -15.95 -5.58
C GLN A 1028 -27.61 -16.22 -5.09
N LEU A 1029 -27.50 -16.57 -3.81
CA LEU A 1029 -26.24 -16.41 -3.10
C LEU A 1029 -25.28 -17.56 -3.38
N GLY A 1030 -25.65 -18.76 -2.97
CA GLY A 1030 -24.71 -19.87 -3.05
C GLY A 1030 -23.78 -19.89 -1.87
N ASN A 1031 -22.92 -18.88 -1.75
CA ASN A 1031 -21.94 -18.82 -0.67
C ASN A 1031 -21.59 -17.37 -0.36
N SER A 1032 -21.25 -17.13 0.90
CA SER A 1032 -21.13 -15.79 1.48
C SER A 1032 -19.83 -15.11 1.04
N ILE A 1033 -19.57 -13.92 1.58
CA ILE A 1033 -18.33 -13.23 1.28
C ILE A 1033 -17.16 -13.85 2.02
N LEU A 1034 -17.35 -14.21 3.30
CA LEU A 1034 -16.28 -14.85 4.06
C LEU A 1034 -15.99 -16.26 3.57
N GLU A 1035 -16.85 -16.84 2.75
CA GLU A 1035 -16.52 -18.08 2.07
C GLU A 1035 -15.93 -17.87 0.70
N LEU A 1036 -15.70 -16.62 0.30
CA LEU A 1036 -14.90 -16.32 -0.89
C LEU A 1036 -13.44 -16.07 -0.56
N PHE A 1037 -13.16 -15.44 0.59
CA PHE A 1037 -11.81 -15.41 1.12
C PHE A 1037 -11.34 -16.79 1.58
N ASP A 1038 -12.24 -17.68 1.97
CA ASP A 1038 -11.86 -19.06 2.23
C ASP A 1038 -11.53 -19.80 0.95
N ASP A 1039 -12.22 -19.49 -0.14
CA ASP A 1039 -11.94 -20.14 -1.41
C ASP A 1039 -10.74 -19.54 -2.10
N ALA A 1040 -10.33 -18.33 -1.72
CA ALA A 1040 -9.16 -17.74 -2.35
C ALA A 1040 -7.88 -18.41 -1.91
N ARG A 1041 -7.81 -18.89 -0.68
CA ARG A 1041 -6.63 -19.57 -0.19
C ARG A 1041 -6.70 -21.09 -0.33
N ASP A 1042 -7.71 -21.60 -1.04
CA ASP A 1042 -7.60 -22.93 -1.63
C ASP A 1042 -6.92 -22.90 -2.99
N VAL A 1043 -7.10 -21.80 -3.73
CA VAL A 1043 -6.43 -21.67 -5.01
C VAL A 1043 -4.97 -21.29 -4.81
N LEU A 1044 -4.70 -20.44 -3.82
CA LEU A 1044 -3.36 -19.89 -3.60
C LEU A 1044 -2.56 -20.68 -2.58
N SER A 1045 -2.87 -21.97 -2.40
CA SER A 1045 -2.05 -22.84 -1.57
C SER A 1045 -0.80 -23.30 -2.30
N TYR A 1046 -0.71 -22.97 -3.59
CA TYR A 1046 0.49 -22.91 -4.39
C TYR A 1046 1.74 -22.45 -3.63
N ASP A 1047 1.68 -21.30 -2.94
CA ASP A 1047 2.78 -20.82 -2.11
C ASP A 1047 2.26 -20.11 -0.87
N ARG A 1048 3.11 -20.02 0.16
CA ARG A 1048 2.68 -19.36 1.38
C ARG A 1048 2.67 -17.85 1.32
N LYS A 1049 3.49 -17.27 0.44
CA LYS A 1049 3.57 -15.82 0.34
C LYS A 1049 2.24 -15.21 -0.05
N LEU A 1050 1.50 -15.86 -0.93
CA LEU A 1050 0.21 -15.37 -1.37
C LEU A 1050 -0.95 -15.89 -0.54
N LYS A 1051 -0.78 -17.02 0.15
CA LYS A 1051 -1.84 -17.55 0.98
C LYS A 1051 -1.95 -16.77 2.28
N ASN A 1052 -0.83 -16.44 2.91
CA ASN A 1052 -0.84 -15.67 4.14
C ASN A 1052 -1.41 -14.27 3.99
N ALA A 1053 -1.46 -13.73 2.78
CA ALA A 1053 -1.87 -12.35 2.58
C ALA A 1053 -3.34 -12.18 2.27
N VAL A 1054 -4.10 -13.25 2.11
CA VAL A 1054 -5.50 -13.15 1.71
C VAL A 1054 -6.34 -12.66 2.86
N SER A 1055 -6.07 -13.16 4.06
CA SER A 1055 -6.75 -12.69 5.26
C SER A 1055 -6.17 -11.41 5.80
N LYS A 1056 -4.94 -11.08 5.41
CA LYS A 1056 -4.33 -9.85 5.85
C LYS A 1056 -4.94 -8.65 5.14
N SER A 1057 -5.52 -8.87 3.97
CA SER A 1057 -6.04 -7.76 3.19
C SER A 1057 -7.54 -7.56 3.40
N LEU A 1058 -8.20 -8.55 4.01
CA LEU A 1058 -9.58 -8.37 4.44
C LEU A 1058 -9.66 -7.40 5.59
N LYS A 1059 -8.75 -7.53 6.54
CA LYS A 1059 -8.76 -6.73 7.74
C LYS A 1059 -8.30 -5.32 7.47
N GLU A 1060 -7.47 -5.11 6.46
CA GLU A 1060 -7.05 -3.78 6.07
C GLU A 1060 -8.14 -3.00 5.37
N ILE A 1061 -8.96 -3.66 4.55
CA ILE A 1061 -10.03 -2.98 3.85
C ILE A 1061 -11.09 -2.51 4.84
N LEU A 1062 -11.50 -3.38 5.76
CA LEU A 1062 -12.50 -3.00 6.75
C LEU A 1062 -11.97 -1.98 7.74
N SER A 1063 -10.67 -1.97 7.98
CA SER A 1063 -10.10 -0.98 8.90
C SER A 1063 -10.04 0.41 8.29
N SER A 1064 -10.04 0.54 6.97
CA SER A 1064 -10.08 1.84 6.35
C SER A 1064 -11.48 2.42 6.33
N HIS A 1065 -12.49 1.55 6.44
CA HIS A 1065 -13.88 1.98 6.51
C HIS A 1065 -14.40 2.05 7.94
N GLY A 1066 -13.51 2.10 8.92
CA GLY A 1066 -13.89 2.44 10.28
C GLY A 1066 -14.19 1.29 11.21
N MET A 1067 -13.73 0.09 10.94
CA MET A 1067 -14.20 -1.10 11.64
C MET A 1067 -13.02 -1.99 12.03
N GLU A 1068 -13.20 -2.77 13.08
CA GLU A 1068 -12.25 -3.80 13.41
C GLU A 1068 -12.87 -5.16 13.11
N VAL A 1069 -12.08 -6.22 13.27
CA VAL A 1069 -12.55 -7.59 13.06
C VAL A 1069 -11.56 -8.50 13.77
N THR A 1070 -12.00 -9.69 14.15
CA THR A 1070 -11.19 -10.48 15.07
C THR A 1070 -10.83 -11.88 14.61
N PHE A 1071 -11.77 -12.65 14.02
CA PHE A 1071 -11.49 -13.97 13.43
C PHE A 1071 -10.95 -15.03 14.39
N LYS A 1072 -11.84 -15.78 15.06
CA LYS A 1072 -11.59 -16.98 15.89
C LYS A 1072 -10.46 -17.89 15.40
N PRO A 1073 -9.71 -18.55 16.30
CA PRO A 1073 -8.53 -19.32 15.90
C PRO A 1073 -8.81 -20.46 14.93
N LEU A 1074 -7.87 -20.68 14.01
CA LEU A 1074 -8.13 -21.45 12.79
C LEU A 1074 -8.20 -22.95 13.03
N TYR A 1075 -7.53 -23.47 14.06
CA TYR A 1075 -7.58 -24.90 14.30
C TYR A 1075 -8.89 -25.33 14.94
N GLN A 1076 -9.61 -24.41 15.56
CA GLN A 1076 -10.90 -24.71 16.18
C GLN A 1076 -12.05 -24.67 15.19
N THR A 1077 -11.88 -24.03 14.04
CA THR A 1077 -12.97 -23.81 13.10
C THR A 1077 -12.87 -24.66 11.86
N ASN A 1078 -12.06 -25.72 11.88
CA ASN A 1078 -11.79 -26.60 10.72
C ASN A 1078 -11.29 -25.80 9.51
N HIS A 1079 -10.44 -24.81 9.80
CA HIS A 1079 -9.78 -23.96 8.81
C HIS A 1079 -10.78 -23.21 7.93
N HIS A 1080 -11.56 -22.36 8.61
CA HIS A 1080 -12.48 -21.44 7.98
C HIS A 1080 -12.42 -20.11 8.72
N LEU A 1081 -12.89 -19.06 8.08
CA LEU A 1081 -12.87 -17.75 8.71
C LEU A 1081 -14.22 -17.45 9.32
N LYS A 1082 -14.26 -17.21 10.63
CA LYS A 1082 -15.49 -16.94 11.35
C LYS A 1082 -15.26 -15.79 12.32
N ILE A 1083 -16.21 -14.86 12.37
CA ILE A 1083 -16.06 -13.60 13.09
C ILE A 1083 -16.19 -13.84 14.58
N ASP A 1084 -15.33 -13.20 15.37
CA ASP A 1084 -15.44 -13.18 16.83
C ASP A 1084 -16.05 -11.87 17.33
N LYS A 1085 -15.48 -10.76 16.87
CA LYS A 1085 -15.98 -9.43 17.31
C LYS A 1085 -15.84 -8.42 16.17
N LEU A 1086 -16.92 -7.67 15.89
CA LEU A 1086 -16.88 -6.56 14.90
C LEU A 1086 -17.24 -5.33 15.71
N GLN A 1087 -16.35 -4.34 15.81
CA GLN A 1087 -16.65 -3.18 16.68
C GLN A 1087 -16.28 -1.86 16.00
N PRO A 1088 -17.00 -0.76 16.29
CA PRO A 1088 -16.66 0.55 15.74
C PRO A 1088 -15.28 0.92 16.29
N LYS A 1089 -14.43 1.45 15.43
CA LYS A 1089 -13.07 1.88 15.74
C LYS A 1089 -13.10 3.23 16.45
N LYS A 1090 -12.09 3.47 17.28
CA LYS A 1090 -12.11 4.62 18.17
C LYS A 1090 -11.15 5.71 17.71
N ILE A 1091 -11.35 6.91 18.25
CA ILE A 1091 -10.63 8.09 17.79
C ILE A 1091 -9.72 8.70 18.84
N HIS A 1092 -10.08 8.65 20.13
CA HIS A 1092 -9.28 9.11 21.28
C HIS A 1092 -9.02 10.63 21.23
N HIS A 1093 -10.11 11.36 21.43
CA HIS A 1093 -10.06 12.79 21.71
C HIS A 1093 -9.21 13.09 22.93
N LEU A 1094 -8.61 14.28 22.90
CA LEU A 1094 -8.04 14.96 24.07
C LEU A 1094 -6.90 14.15 24.70
N GLY A 1095 -5.81 14.06 23.96
CA GLY A 1095 -4.62 13.42 24.47
C GLY A 1095 -4.49 11.99 23.99
N GLU A 1096 -3.59 11.25 24.65
CA GLU A 1096 -3.32 9.88 24.28
C GLU A 1096 -3.42 8.90 25.43
N LYS A 1097 -3.52 9.37 26.67
CA LYS A 1097 -3.65 8.52 27.83
C LYS A 1097 -4.93 8.83 28.60
N SER A 1098 -6.05 8.97 27.89
CA SER A 1098 -7.32 9.32 28.51
C SER A 1098 -8.39 8.31 28.15
N THR A 1099 -9.58 8.54 28.69
CA THR A 1099 -10.74 7.71 28.39
C THR A 1099 -11.81 8.45 27.61
N VAL A 1100 -11.60 9.72 27.29
CA VAL A 1100 -12.53 10.42 26.41
C VAL A 1100 -12.25 9.99 24.97
N SER A 1101 -13.22 9.37 24.33
CA SER A 1101 -13.06 8.90 22.97
C SER A 1101 -14.42 8.93 22.28
N SER A 1102 -14.45 8.40 21.07
CA SER A 1102 -15.68 8.37 20.28
C SER A 1102 -15.52 7.37 19.15
N ASN A 1103 -16.61 6.68 18.84
CA ASN A 1103 -16.56 5.67 17.80
C ASN A 1103 -16.48 6.34 16.45
N GLN A 1104 -15.82 5.69 15.50
CA GLN A 1104 -15.68 6.29 14.19
C GLN A 1104 -16.97 6.20 13.39
N VAL A 1105 -17.71 5.10 13.50
CA VAL A 1105 -18.95 5.08 12.76
C VAL A 1105 -20.17 5.10 13.68
N SER A 1106 -20.53 3.94 14.23
CA SER A 1106 -21.65 3.68 15.15
C SER A 1106 -21.73 2.19 15.40
N ASN A 1107 -22.36 1.81 16.52
CA ASN A 1107 -22.67 0.42 16.76
C ASN A 1107 -23.78 -0.12 15.88
N GLU A 1108 -24.57 0.75 15.26
CA GLU A 1108 -25.69 0.33 14.44
C GLU A 1108 -25.30 0.04 13.00
N TYR A 1109 -24.31 0.78 12.49
CA TYR A 1109 -23.78 0.54 11.12
C TYR A 1109 -23.02 -0.79 11.08
N CYS A 1110 -22.27 -1.09 12.15
CA CYS A 1110 -21.42 -2.31 12.26
C CYS A 1110 -22.27 -3.57 12.20
N GLN A 1111 -23.43 -3.58 12.86
CA GLN A 1111 -24.32 -4.78 12.86
C GLN A 1111 -24.76 -5.06 11.42
N LEU A 1112 -25.09 -4.02 10.66
CA LEU A 1112 -25.52 -4.15 9.24
C LEU A 1112 -24.38 -4.76 8.43
N VAL A 1113 -23.15 -4.32 8.70
CA VAL A 1113 -21.95 -4.80 7.95
C VAL A 1113 -21.73 -6.30 8.16
N ARG A 1114 -21.86 -6.78 9.40
CA ARG A 1114 -21.63 -8.23 9.69
C ARG A 1114 -22.69 -9.10 8.99
N THR A 1115 -23.95 -8.64 8.98
CA THR A 1115 -25.05 -9.35 8.34
C THR A 1115 -24.94 -9.35 6.82
N LEU A 1116 -23.94 -8.69 6.27
CA LEU A 1116 -23.60 -8.74 4.85
C LEU A 1116 -22.48 -9.73 4.58
N LEU A 1117 -21.51 -9.80 5.48
CA LEU A 1117 -20.38 -10.70 5.29
C LEU A 1117 -20.78 -12.16 5.50
N THR A 1118 -21.72 -12.40 6.41
CA THR A 1118 -22.24 -13.74 6.67
C THR A 1118 -23.69 -13.74 6.21
N MET A 1119 -23.90 -14.03 4.93
CA MET A 1119 -25.24 -13.95 4.36
C MET A 1119 -25.31 -14.92 3.19
N LYS A 1120 -25.84 -16.11 3.43
CA LYS A 1120 -25.94 -17.11 2.38
C LYS A 1120 -27.32 -17.11 1.75
#